data_1VLH
#
_entry.id   1VLH
#
_cell.length_a   67.963
_cell.length_b   110.876
_cell.length_c   74.087
_cell.angle_alpha   90.00
_cell.angle_beta   111.98
_cell.angle_gamma   90.00
#
_symmetry.space_group_name_H-M   'P 1 21 1'
#
loop_
_entity.id
_entity.type
_entity.pdbx_description
1 polymer 'Phosphopantetheine adenylyltransferase'
2 non-polymer "4'-PHOSPHOPANTETHEINE"
3 non-polymer (4S)-2-METHYL-2,4-PENTANEDIOL
4 water water
#
_entity_poly.entity_id   1
_entity_poly.type   'polypeptide(L)'
_entity_poly.pdbx_seq_one_letter_code
;MGSDKIHHHHHHMKAVYPGSFDPITLGHVDIIKRALSIFDELVVLVTENPRKKCMFTLEERKKLIEEVLSDLDGVKVDVH
HGLLVDYLKKHGIKVLVRGLRAVTDYEYELQMALANKKLYSDLETVFLIASEKFSFISSSLVKEVALYGGDVTEWVPPEV
ARALNEKLKEGKR
;
_entity_poly.pdbx_strand_id   A,B,C,D,E,F
#
loop_
_chem_comp.id
_chem_comp.type
_chem_comp.name
_chem_comp.formula
MPD non-polymer (4S)-2-METHYL-2,4-PENTANEDIOL 'C6 H14 O2'
PNS non-polymer 4'-PHOSPHOPANTETHEINE 'C11 H23 N2 O7 P S'
#
# COMPACT_ATOMS: atom_id res chain seq x y z
N MET A 13 -1.57 -25.74 -23.74
CA MET A 13 -2.61 -25.46 -22.73
C MET A 13 -3.30 -24.15 -23.06
N LYS A 14 -4.58 -24.10 -22.72
CA LYS A 14 -5.43 -22.98 -23.02
C LYS A 14 -5.61 -22.06 -21.80
N ALA A 15 -5.59 -20.77 -22.06
CA ALA A 15 -5.80 -19.74 -21.04
C ALA A 15 -6.71 -18.70 -21.63
N VAL A 16 -7.43 -18.02 -20.73
CA VAL A 16 -8.19 -16.84 -21.07
C VAL A 16 -7.50 -15.59 -20.46
N TYR A 17 -7.33 -14.57 -21.28
CA TYR A 17 -6.96 -13.25 -20.84
C TYR A 17 -8.20 -12.39 -20.91
N PRO A 18 -8.88 -12.20 -19.79
CA PRO A 18 -10.10 -11.42 -19.79
C PRO A 18 -9.84 -9.95 -19.50
N GLY A 19 -10.63 -9.08 -20.09
CA GLY A 19 -10.50 -7.68 -19.78
C GLY A 19 -11.57 -6.84 -20.41
N SER A 20 -11.64 -5.58 -19.97
CA SER A 20 -12.52 -4.59 -20.65
C SER A 20 -11.93 -4.23 -22.05
N PHE A 21 -10.60 -4.18 -22.17
CA PHE A 21 -9.92 -3.75 -23.41
C PHE A 21 -10.67 -2.59 -24.07
N ASP A 22 -10.80 -1.50 -23.32
CA ASP A 22 -11.65 -0.37 -23.73
C ASP A 22 -10.87 0.95 -23.71
N PRO A 23 -9.90 1.14 -24.62
CA PRO A 23 -9.53 0.16 -25.65
C PRO A 23 -8.27 -0.62 -25.25
N ILE A 24 -7.89 -1.57 -26.11
CA ILE A 24 -6.67 -2.31 -25.93
C ILE A 24 -5.51 -1.35 -26.14
N THR A 25 -4.52 -1.49 -25.27
CA THR A 25 -3.32 -0.68 -25.30
C THR A 25 -2.11 -1.56 -25.59
N LEU A 26 -0.94 -0.94 -25.78
CA LEU A 26 0.28 -1.69 -26.03
C LEU A 26 0.68 -2.58 -24.82
N GLY A 27 0.29 -2.16 -23.63
CA GLY A 27 0.52 -2.93 -22.41
C GLY A 27 -0.18 -4.27 -22.48
N HIS A 28 -1.43 -4.25 -22.93
CA HIS A 28 -2.23 -5.45 -23.15
C HIS A 28 -1.63 -6.36 -24.20
N VAL A 29 -1.20 -5.76 -25.32
CA VAL A 29 -0.63 -6.51 -26.43
C VAL A 29 0.63 -7.24 -25.92
N ASP A 30 1.44 -6.56 -25.10
CA ASP A 30 2.64 -7.14 -24.53
C ASP A 30 2.33 -8.38 -23.66
N ILE A 31 1.29 -8.29 -22.82
CA ILE A 31 0.87 -9.42 -21.97
C ILE A 31 0.34 -10.57 -22.82
N ILE A 32 -0.44 -10.25 -23.83
CA ILE A 32 -0.86 -11.27 -24.81
C ILE A 32 0.30 -12.05 -25.43
N LYS A 33 1.28 -11.32 -25.99
CA LYS A 33 2.42 -11.91 -26.64
C LYS A 33 3.20 -12.77 -25.64
N ARG A 34 3.39 -12.25 -24.45
CA ARG A 34 4.16 -12.98 -23.45
C ARG A 34 3.42 -14.19 -22.92
N ALA A 35 2.11 -14.07 -22.74
CA ALA A 35 1.28 -15.17 -22.31
C ALA A 35 1.32 -16.33 -23.30
N LEU A 36 1.42 -16.01 -24.57
CA LEU A 36 1.55 -17.01 -25.62
C LEU A 36 2.82 -17.79 -25.57
N SER A 37 3.87 -17.24 -24.95
CA SER A 37 5.11 -18.02 -24.72
C SER A 37 4.93 -19.12 -23.69
N ILE A 38 3.85 -19.06 -22.91
CA ILE A 38 3.58 -20.07 -21.88
C ILE A 38 2.42 -20.95 -22.26
N PHE A 39 1.33 -20.33 -22.70
CA PHE A 39 0.12 -21.04 -23.06
C PHE A 39 0.02 -21.12 -24.59
N ASP A 40 -0.09 -22.32 -25.13
CA ASP A 40 -0.11 -22.37 -26.61
C ASP A 40 -1.40 -21.81 -27.23
N GLU A 41 -2.50 -21.76 -26.45
CA GLU A 41 -3.73 -21.19 -26.96
C GLU A 41 -4.22 -20.16 -25.98
N LEU A 42 -4.50 -18.96 -26.47
CA LEU A 42 -4.97 -17.88 -25.64
C LEU A 42 -6.27 -17.33 -26.17
N VAL A 43 -7.24 -17.22 -25.30
CA VAL A 43 -8.45 -16.50 -25.65
C VAL A 43 -8.40 -15.16 -25.01
N VAL A 44 -8.39 -14.12 -25.84
CA VAL A 44 -8.51 -12.74 -25.37
C VAL A 44 -10.00 -12.50 -25.25
N LEU A 45 -10.48 -12.33 -24.04
CA LEU A 45 -11.93 -12.27 -23.78
C LEU A 45 -12.40 -10.87 -23.37
N VAL A 46 -13.09 -10.21 -24.28
CA VAL A 46 -13.71 -8.92 -23.96
C VAL A 46 -14.92 -9.18 -23.07
N THR A 47 -14.79 -8.79 -21.82
CA THR A 47 -15.77 -9.11 -20.79
C THR A 47 -16.32 -7.85 -20.20
N GLU A 48 -17.60 -7.87 -19.83
CA GLU A 48 -18.27 -6.72 -19.22
C GLU A 48 -17.76 -6.49 -17.78
N ASN A 49 -17.30 -5.27 -17.52
CA ASN A 49 -17.00 -4.85 -16.17
C ASN A 49 -18.14 -3.97 -15.66
N PRO A 50 -18.96 -4.48 -14.72
CA PRO A 50 -20.18 -3.78 -14.32
C PRO A 50 -19.88 -2.51 -13.52
N ARG A 51 -18.63 -2.33 -13.08
CA ARG A 51 -18.18 -1.11 -12.35
C ARG A 51 -17.57 -0.04 -13.30
N LYS A 52 -17.68 -0.27 -14.62
CA LYS A 52 -17.24 0.66 -15.65
C LYS A 52 -18.34 0.97 -16.68
N LYS A 53 -18.39 2.24 -17.11
CA LYS A 53 -19.15 2.63 -18.32
C LYS A 53 -18.14 2.65 -19.47
N CYS A 54 -18.40 1.87 -20.51
N CYS A 54 -18.38 1.83 -20.49
CA CYS A 54 -17.41 1.64 -21.55
CA CYS A 54 -17.40 1.62 -21.54
C CYS A 54 -17.57 2.60 -22.70
C CYS A 54 -17.56 2.65 -22.64
N MET A 55 -16.45 2.99 -23.27
CA MET A 55 -16.44 3.91 -24.38
C MET A 55 -16.86 3.22 -25.66
N PHE A 56 -16.41 1.99 -25.85
CA PHE A 56 -16.66 1.18 -27.04
C PHE A 56 -17.52 -0.01 -26.65
N THR A 57 -18.39 -0.45 -27.55
CA THR A 57 -19.19 -1.66 -27.30
C THR A 57 -18.31 -2.87 -27.31
N LEU A 58 -18.82 -3.95 -26.74
CA LEU A 58 -18.06 -5.18 -26.64
C LEU A 58 -17.62 -5.59 -28.03
N GLU A 59 -18.52 -5.45 -29.01
CA GLU A 59 -18.19 -5.89 -30.35
C GLU A 59 -17.21 -4.93 -31.04
N GLU A 60 -17.33 -3.61 -30.85
CA GLU A 60 -16.28 -2.68 -31.33
C GLU A 60 -14.91 -3.07 -30.79
N ARG A 61 -14.89 -3.44 -29.52
CA ARG A 61 -13.63 -3.79 -28.89
C ARG A 61 -13.04 -5.10 -29.42
N LYS A 62 -13.88 -6.12 -29.63
CA LYS A 62 -13.44 -7.37 -30.25
C LYS A 62 -12.80 -7.09 -31.61
N LYS A 63 -13.49 -6.33 -32.45
CA LYS A 63 -12.99 -6.01 -33.77
C LYS A 63 -11.65 -5.26 -33.75
N LEU A 64 -11.47 -4.31 -32.84
CA LEU A 64 -10.19 -3.63 -32.74
C LEU A 64 -9.12 -4.63 -32.43
N ILE A 65 -9.36 -5.43 -31.40
CA ILE A 65 -8.37 -6.43 -30.94
C ILE A 65 -8.01 -7.38 -32.09
N GLU A 66 -8.99 -7.81 -32.86
CA GLU A 66 -8.72 -8.68 -33.99
C GLU A 66 -7.85 -8.03 -35.03
N GLU A 67 -8.11 -6.76 -35.32
CA GLU A 67 -7.28 -5.98 -36.22
C GLU A 67 -5.84 -5.91 -35.68
N VAL A 68 -5.74 -5.58 -34.40
CA VAL A 68 -4.47 -5.38 -33.73
C VAL A 68 -3.67 -6.68 -33.70
N LEU A 69 -4.29 -7.80 -33.30
CA LEU A 69 -3.57 -9.10 -33.15
C LEU A 69 -3.47 -9.94 -34.41
N SER A 70 -3.80 -9.34 -35.54
CA SER A 70 -4.20 -10.10 -36.69
C SER A 70 -3.24 -11.05 -37.39
N ASP A 71 -1.93 -10.86 -37.27
CA ASP A 71 -1.03 -12.03 -37.35
C ASP A 71 -0.21 -12.54 -36.16
N LEU A 72 -0.96 -12.78 -35.09
CA LEU A 72 -0.48 -13.57 -34.00
C LEU A 72 -1.13 -14.94 -34.10
N ASP A 73 -0.30 -15.99 -34.12
CA ASP A 73 -0.76 -17.36 -34.07
C ASP A 73 -1.10 -17.72 -32.63
N GLY A 74 -2.07 -18.60 -32.46
CA GLY A 74 -2.47 -19.11 -31.17
C GLY A 74 -3.47 -18.29 -30.41
N VAL A 75 -3.88 -17.13 -30.93
CA VAL A 75 -4.82 -16.27 -30.22
C VAL A 75 -6.20 -16.27 -30.86
N LYS A 76 -7.24 -16.35 -30.03
CA LYS A 76 -8.60 -16.14 -30.46
C LYS A 76 -9.19 -15.02 -29.63
N VAL A 77 -10.05 -14.21 -30.23
CA VAL A 77 -10.72 -13.10 -29.54
C VAL A 77 -12.20 -13.43 -29.40
N ASP A 78 -12.78 -13.17 -28.23
CA ASP A 78 -14.20 -13.50 -28.00
C ASP A 78 -14.77 -12.43 -27.07
N VAL A 79 -16.09 -12.44 -26.91
CA VAL A 79 -16.78 -11.58 -25.97
C VAL A 79 -17.62 -12.41 -24.99
N HIS A 80 -17.88 -11.86 -23.80
CA HIS A 80 -18.70 -12.55 -22.82
C HIS A 80 -19.43 -11.52 -22.00
N HIS A 81 -20.73 -11.72 -21.80
CA HIS A 81 -21.61 -10.78 -21.12
C HIS A 81 -21.88 -11.15 -19.67
N GLY A 82 -21.65 -12.42 -19.30
CA GLY A 82 -22.01 -12.91 -17.98
C GLY A 82 -20.84 -13.06 -17.02
N LEU A 83 -21.00 -14.04 -16.13
CA LEU A 83 -20.09 -14.39 -15.11
C LEU A 83 -18.89 -15.03 -15.74
N LEU A 84 -17.72 -14.46 -15.50
CA LEU A 84 -16.51 -14.88 -16.16
C LEU A 84 -16.29 -16.35 -16.04
N VAL A 85 -16.40 -16.90 -14.83
CA VAL A 85 -16.08 -18.34 -14.64
C VAL A 85 -16.99 -19.28 -15.42
N ASP A 86 -18.19 -18.81 -15.72
CA ASP A 86 -19.09 -19.56 -16.58
C ASP A 86 -18.54 -19.76 -18.00
N TYR A 87 -17.91 -18.73 -18.58
CA TYR A 87 -17.24 -18.88 -19.87
C TYR A 87 -16.15 -19.96 -19.78
N LEU A 88 -15.35 -19.87 -18.74
CA LEU A 88 -14.23 -20.81 -18.58
C LEU A 88 -14.68 -22.25 -18.32
N LYS A 89 -15.75 -22.42 -17.53
CA LYS A 89 -16.34 -23.75 -17.28
C LYS A 89 -16.94 -24.35 -18.52
N LYS A 90 -17.71 -23.57 -19.27
CA LYS A 90 -18.31 -24.07 -20.51
C LYS A 90 -17.24 -24.52 -21.53
N HIS A 91 -16.08 -23.85 -21.58
CA HIS A 91 -15.03 -24.18 -22.56
C HIS A 91 -13.90 -25.05 -22.02
N GLY A 92 -14.02 -25.48 -20.78
CA GLY A 92 -13.06 -26.38 -20.18
C GLY A 92 -11.73 -25.70 -19.91
N ILE A 93 -11.74 -24.37 -19.75
CA ILE A 93 -10.54 -23.62 -19.55
C ILE A 93 -10.36 -23.43 -18.06
N LYS A 94 -9.14 -23.63 -17.58
CA LYS A 94 -8.86 -23.63 -16.17
C LYS A 94 -7.80 -22.61 -15.78
N VAL A 95 -7.34 -21.81 -16.72
CA VAL A 95 -6.36 -20.78 -16.46
C VAL A 95 -6.82 -19.42 -16.94
N LEU A 96 -6.69 -18.45 -16.04
CA LEU A 96 -6.97 -17.07 -16.30
C LEU A 96 -5.65 -16.31 -16.19
N VAL A 97 -5.35 -15.44 -17.15
CA VAL A 97 -4.14 -14.65 -17.11
C VAL A 97 -4.51 -13.20 -16.93
N ARG A 98 -3.80 -12.52 -16.05
CA ARG A 98 -3.97 -11.09 -15.79
C ARG A 98 -2.57 -10.41 -15.66
N GLY A 99 -2.52 -9.11 -15.88
CA GLY A 99 -1.30 -8.35 -15.82
C GLY A 99 -1.30 -7.56 -14.56
N LEU A 100 -0.11 -7.38 -13.99
CA LEU A 100 0.15 -6.62 -12.80
C LEU A 100 1.04 -5.41 -13.13
N ARG A 101 0.49 -4.22 -12.85
CA ARG A 101 1.17 -2.96 -13.04
C ARG A 101 1.42 -2.27 -11.71
N ALA A 102 2.30 -1.29 -11.74
CA ALA A 102 2.50 -0.41 -10.59
C ALA A 102 1.18 0.23 -10.13
N VAL A 103 0.30 0.50 -11.09
CA VAL A 103 -0.95 1.19 -10.85
C VAL A 103 -2.13 0.24 -10.69
N THR A 104 -1.86 -1.06 -10.68
CA THR A 104 -2.88 -2.05 -10.43
C THR A 104 -3.36 -1.99 -8.95
N ASP A 105 -4.68 -2.06 -8.80
CA ASP A 105 -5.36 -2.28 -7.53
C ASP A 105 -5.15 -3.75 -7.14
N TYR A 106 -4.11 -4.01 -6.36
CA TYR A 106 -3.62 -5.34 -6.05
C TYR A 106 -4.66 -6.13 -5.24
N GLU A 107 -5.36 -5.46 -4.34
CA GLU A 107 -6.38 -6.10 -3.50
C GLU A 107 -7.61 -6.49 -4.30
N TYR A 108 -7.90 -5.67 -5.30
CA TYR A 108 -8.99 -5.98 -6.20
C TYR A 108 -8.67 -7.28 -6.99
N GLU A 109 -7.47 -7.34 -7.55
CA GLU A 109 -7.03 -8.53 -8.30
C GLU A 109 -7.03 -9.78 -7.45
N LEU A 110 -6.56 -9.66 -6.20
CA LEU A 110 -6.59 -10.76 -5.26
C LEU A 110 -8.00 -11.20 -4.92
N GLN A 111 -8.83 -10.23 -4.59
CA GLN A 111 -10.21 -10.45 -4.29
C GLN A 111 -10.90 -11.25 -5.37
N MET A 112 -10.71 -10.80 -6.60
CA MET A 112 -11.33 -11.38 -7.77
C MET A 112 -10.78 -12.77 -8.08
N ALA A 113 -9.46 -12.93 -7.93
CA ALA A 113 -8.82 -14.25 -8.14
C ALA A 113 -9.33 -15.26 -7.14
N LEU A 114 -9.44 -14.85 -5.88
CA LEU A 114 -9.97 -15.70 -4.84
C LEU A 114 -11.46 -16.00 -4.97
N ALA A 115 -12.25 -15.01 -5.35
CA ALA A 115 -13.69 -15.20 -5.56
C ALA A 115 -13.90 -16.18 -6.73
N ASN A 116 -13.24 -15.91 -7.84
CA ASN A 116 -13.31 -16.80 -9.01
C ASN A 116 -12.92 -18.24 -8.68
N LYS A 117 -11.92 -18.43 -7.85
CA LYS A 117 -11.52 -19.76 -7.44
C LYS A 117 -12.56 -20.43 -6.53
N LYS A 118 -13.20 -19.63 -5.67
N LYS A 118 -13.23 -19.65 -5.68
CA LYS A 118 -14.31 -20.12 -4.92
CA LYS A 118 -14.32 -20.22 -4.91
C LYS A 118 -15.39 -20.67 -5.85
C LYS A 118 -15.51 -20.63 -5.80
N LEU A 119 -15.73 -19.87 -6.87
CA LEU A 119 -16.82 -20.19 -7.82
C LEU A 119 -16.46 -21.32 -8.74
N TYR A 120 -15.16 -21.53 -8.95
CA TYR A 120 -14.67 -22.50 -9.93
C TYR A 120 -13.33 -23.07 -9.41
N SER A 121 -13.43 -24.15 -8.67
CA SER A 121 -12.32 -24.61 -7.83
C SER A 121 -11.09 -25.07 -8.61
N ASP A 122 -11.28 -25.50 -9.83
CA ASP A 122 -10.17 -25.92 -10.69
C ASP A 122 -9.40 -24.75 -11.28
N LEU A 123 -9.89 -23.54 -11.08
CA LEU A 123 -9.30 -22.36 -11.69
C LEU A 123 -7.96 -21.99 -11.08
N GLU A 124 -7.04 -21.55 -11.93
CA GLU A 124 -5.86 -20.80 -11.49
C GLU A 124 -5.82 -19.50 -12.24
N THR A 125 -5.69 -18.43 -11.50
CA THR A 125 -5.38 -17.11 -12.04
C THR A 125 -3.90 -16.92 -11.89
N VAL A 126 -3.29 -16.62 -13.03
CA VAL A 126 -1.88 -16.52 -13.19
C VAL A 126 -1.59 -15.05 -13.56
N PHE A 127 -0.64 -14.43 -12.87
CA PHE A 127 -0.29 -13.05 -13.14
C PHE A 127 1.09 -12.91 -13.75
N LEU A 128 1.15 -12.12 -14.82
CA LEU A 128 2.37 -11.60 -15.39
C LEU A 128 2.57 -10.13 -15.00
N ILE A 129 3.83 -9.74 -14.94
CA ILE A 129 4.26 -8.40 -14.59
C ILE A 129 4.38 -7.54 -15.84
N ALA A 130 3.68 -6.41 -15.85
CA ALA A 130 3.85 -5.45 -16.92
C ALA A 130 5.26 -4.95 -16.87
N SER A 131 5.85 -4.77 -18.05
CA SER A 131 7.16 -4.14 -18.18
C SER A 131 7.05 -2.71 -17.68
N GLU A 132 8.19 -2.14 -17.32
CA GLU A 132 8.29 -0.82 -16.75
C GLU A 132 7.61 0.21 -17.61
N LYS A 133 7.78 0.08 -18.92
CA LYS A 133 7.27 1.06 -19.83
C LYS A 133 5.74 1.10 -19.81
N PHE A 134 5.10 -0.03 -19.50
CA PHE A 134 3.65 -0.14 -19.49
C PHE A 134 3.02 -0.22 -18.08
N SER A 135 3.86 -0.08 -17.04
CA SER A 135 3.46 -0.32 -15.68
C SER A 135 2.62 0.82 -15.11
N PHE A 136 2.57 1.96 -15.78
CA PHE A 136 1.83 3.15 -15.29
C PHE A 136 0.80 3.64 -16.30
N ILE A 137 0.50 2.84 -17.32
CA ILE A 137 -0.56 3.17 -18.24
C ILE A 137 -1.81 2.25 -18.01
N SER A 138 -2.91 2.71 -18.59
CA SER A 138 -4.16 2.06 -18.51
C SER A 138 -5.01 2.61 -19.65
N SER A 139 -6.08 1.88 -19.96
CA SER A 139 -7.06 2.35 -20.94
C SER A 139 -7.72 3.66 -20.48
N SER A 140 -7.92 3.77 -19.18
CA SER A 140 -8.51 4.97 -18.60
C SER A 140 -7.66 6.22 -18.87
N LEU A 141 -6.35 6.10 -18.66
CA LEU A 141 -5.40 7.15 -18.95
C LEU A 141 -5.48 7.56 -20.41
N VAL A 142 -5.40 6.55 -21.26
CA VAL A 142 -5.41 6.71 -22.70
C VAL A 142 -6.65 7.46 -23.16
N LYS A 143 -7.82 7.03 -22.69
CA LYS A 143 -9.08 7.72 -23.05
C LYS A 143 -9.14 9.16 -22.56
N GLU A 144 -8.74 9.38 -21.31
CA GLU A 144 -8.75 10.75 -20.76
C GLU A 144 -7.87 11.68 -21.58
N VAL A 145 -6.70 11.19 -21.98
CA VAL A 145 -5.77 12.02 -22.72
C VAL A 145 -6.24 12.25 -24.14
N ALA A 146 -6.68 11.17 -24.79
CA ALA A 146 -7.25 11.26 -26.13
C ALA A 146 -8.42 12.26 -26.14
N LEU A 147 -9.31 12.15 -25.16
CA LEU A 147 -10.50 12.99 -25.10
C LEU A 147 -10.21 14.48 -25.00
N TYR A 148 -9.06 14.84 -24.45
CA TYR A 148 -8.61 16.22 -24.44
C TYR A 148 -7.64 16.48 -25.60
N GLY A 149 -7.56 15.57 -26.57
CA GLY A 149 -6.75 15.81 -27.77
C GLY A 149 -5.24 15.64 -27.63
N GLY A 150 -4.83 14.93 -26.58
CA GLY A 150 -3.42 14.60 -26.42
C GLY A 150 -3.04 13.42 -27.28
N ASP A 151 -1.74 13.30 -27.53
CA ASP A 151 -1.20 12.21 -28.31
C ASP A 151 -1.08 10.96 -27.46
N VAL A 152 -1.78 9.88 -27.83
CA VAL A 152 -1.67 8.58 -27.13
C VAL A 152 -0.93 7.49 -27.92
N THR A 153 -0.27 7.92 -28.98
CA THR A 153 0.42 7.06 -29.95
C THR A 153 1.49 6.13 -29.34
N GLU A 154 2.09 6.57 -28.27
CA GLU A 154 3.07 5.76 -27.57
C GLU A 154 2.47 4.66 -26.71
N TRP A 155 1.16 4.68 -26.54
CA TRP A 155 0.50 3.79 -25.58
C TRP A 155 -0.46 2.82 -26.20
N VAL A 156 -0.82 3.07 -27.46
CA VAL A 156 -1.82 2.27 -28.12
C VAL A 156 -1.32 1.94 -29.50
N PRO A 157 -1.80 0.84 -30.08
CA PRO A 157 -1.61 0.55 -31.50
C PRO A 157 -2.26 1.60 -32.36
N PRO A 158 -1.77 1.82 -33.57
CA PRO A 158 -2.31 2.85 -34.45
C PRO A 158 -3.80 2.65 -34.78
N GLU A 159 -4.23 1.40 -34.91
CA GLU A 159 -5.67 1.07 -35.10
C GLU A 159 -6.53 1.68 -33.99
N VAL A 160 -5.99 1.64 -32.77
CA VAL A 160 -6.67 2.17 -31.59
C VAL A 160 -6.63 3.71 -31.56
N ALA A 161 -5.48 4.28 -31.87
CA ALA A 161 -5.38 5.74 -31.97
C ALA A 161 -6.43 6.31 -32.94
N ARG A 162 -6.53 5.66 -34.09
CA ARG A 162 -7.54 5.97 -35.08
C ARG A 162 -8.95 5.85 -34.50
N ALA A 163 -9.27 4.71 -33.92
CA ALA A 163 -10.57 4.48 -33.32
C ALA A 163 -10.94 5.54 -32.28
N LEU A 164 -9.97 5.88 -31.43
CA LEU A 164 -10.17 6.88 -30.37
C LEU A 164 -10.43 8.25 -30.97
N ASN A 165 -9.69 8.57 -32.01
CA ASN A 165 -9.87 9.84 -32.68
C ASN A 165 -11.29 9.98 -33.27
N GLU A 166 -11.77 8.92 -33.92
CA GLU A 166 -13.11 8.88 -34.48
C GLU A 166 -14.14 9.06 -33.38
N LYS A 167 -14.05 8.24 -32.34
CA LYS A 167 -14.98 8.29 -31.22
C LYS A 167 -15.08 9.70 -30.61
N LEU A 168 -13.95 10.41 -30.54
CA LEU A 168 -13.87 11.79 -30.01
C LEU A 168 -14.48 12.87 -30.94
N LYS A 169 -14.86 12.47 -32.16
CA LYS A 169 -15.61 13.35 -33.04
C LYS A 169 -17.09 12.96 -32.98
N MET B 13 5.60 -28.42 -19.73
CA MET B 13 6.51 -27.26 -19.63
C MET B 13 7.13 -27.20 -18.26
N LYS B 14 8.38 -26.74 -18.21
CA LYS B 14 9.17 -26.66 -17.00
C LYS B 14 9.06 -25.27 -16.36
N ALA B 15 8.99 -25.25 -15.05
CA ALA B 15 9.05 -24.05 -14.31
C ALA B 15 9.89 -24.29 -13.06
N VAL B 16 10.46 -23.21 -12.55
CA VAL B 16 11.16 -23.24 -11.29
C VAL B 16 10.37 -22.43 -10.28
N TYR B 17 10.24 -23.00 -9.09
CA TYR B 17 9.63 -22.30 -7.96
C TYR B 17 10.76 -22.06 -6.98
N PRO B 18 11.36 -20.88 -7.03
CA PRO B 18 12.49 -20.58 -6.22
C PRO B 18 12.11 -19.91 -4.86
N GLY B 19 12.89 -20.20 -3.84
CA GLY B 19 12.67 -19.59 -2.55
C GLY B 19 13.63 -20.07 -1.50
N SER B 20 13.58 -19.36 -0.39
CA SER B 20 14.40 -19.71 0.79
C SER B 20 13.87 -21.01 1.40
N PHE B 21 12.55 -21.22 1.42
CA PHE B 21 11.95 -22.41 2.05
C PHE B 21 12.62 -22.74 3.36
N ASP B 22 12.58 -21.78 4.28
CA ASP B 22 13.34 -21.81 5.51
C ASP B 22 12.49 -21.63 6.78
N PRO B 23 11.61 -22.59 7.09
CA PRO B 23 11.43 -23.83 6.37
C PRO B 23 10.23 -23.75 5.43
N ILE B 24 10.01 -24.81 4.68
CA ILE B 24 8.84 -24.91 3.83
C ILE B 24 7.58 -24.97 4.69
N THR B 25 6.54 -24.25 4.27
CA THR B 25 5.26 -24.23 4.95
C THR B 25 4.18 -24.89 4.10
N LEU B 26 2.99 -25.02 4.70
CA LEU B 26 1.83 -25.53 4.01
C LEU B 26 1.43 -24.61 2.88
N GLY B 27 1.76 -23.32 3.02
CA GLY B 27 1.48 -22.34 1.96
C GLY B 27 2.33 -22.56 0.74
N HIS B 28 3.62 -22.87 0.94
CA HIS B 28 4.47 -23.27 -0.18
C HIS B 28 3.98 -24.54 -0.81
N VAL B 29 3.60 -25.54 -0.01
CA VAL B 29 3.18 -26.83 -0.53
C VAL B 29 1.95 -26.64 -1.44
N ASP B 30 1.07 -25.73 -1.06
CA ASP B 30 -0.13 -25.42 -1.82
C ASP B 30 0.19 -24.82 -3.19
N ILE B 31 1.13 -23.88 -3.21
CA ILE B 31 1.59 -23.29 -4.46
C ILE B 31 2.26 -24.34 -5.35
N ILE B 32 3.07 -25.22 -4.77
CA ILE B 32 3.66 -26.33 -5.54
C ILE B 32 2.63 -27.24 -6.21
N LYS B 33 1.67 -27.69 -5.41
CA LYS B 33 0.58 -28.53 -5.89
C LYS B 33 -0.16 -27.84 -7.01
N ARG B 34 -0.46 -26.56 -6.82
CA ARG B 34 -1.24 -25.81 -7.80
C ARG B 34 -0.45 -25.50 -9.07
N ALA B 35 0.83 -25.20 -8.92
CA ALA B 35 1.68 -24.92 -10.05
C ALA B 35 1.85 -26.13 -10.93
N LEU B 36 1.88 -27.31 -10.31
CA LEU B 36 1.92 -28.58 -11.03
C LEU B 36 0.71 -28.86 -11.92
N SER B 37 -0.42 -28.23 -11.63
CA SER B 37 -1.58 -28.27 -12.53
C SER B 37 -1.35 -27.51 -13.83
N ILE B 38 -0.35 -26.64 -13.86
CA ILE B 38 -0.13 -25.80 -15.05
C ILE B 38 1.15 -26.25 -15.74
N PHE B 39 2.17 -26.51 -14.95
CA PHE B 39 3.48 -26.89 -15.48
C PHE B 39 3.71 -28.35 -15.19
N ASP B 40 4.02 -29.11 -16.23
CA ASP B 40 4.18 -30.55 -16.03
C ASP B 40 5.35 -30.88 -15.14
N GLU B 41 6.42 -30.08 -15.24
CA GLU B 41 7.61 -30.33 -14.46
C GLU B 41 7.92 -29.08 -13.67
N LEU B 42 8.11 -29.26 -12.36
CA LEU B 42 8.40 -28.16 -11.47
C LEU B 42 9.68 -28.45 -10.72
N VAL B 43 10.57 -27.48 -10.73
CA VAL B 43 11.74 -27.55 -9.92
C VAL B 43 11.52 -26.61 -8.76
N VAL B 44 11.53 -27.18 -7.56
CA VAL B 44 11.54 -26.42 -6.35
C VAL B 44 12.98 -26.13 -6.03
N LEU B 45 13.34 -24.84 -6.11
CA LEU B 45 14.74 -24.45 -6.00
C LEU B 45 14.99 -23.70 -4.71
N VAL B 46 15.67 -24.37 -3.78
CA VAL B 46 16.15 -23.72 -2.56
C VAL B 46 17.32 -22.83 -2.93
N THR B 47 17.06 -21.53 -2.83
CA THR B 47 17.93 -20.50 -3.32
C THR B 47 18.35 -19.57 -2.20
N GLU B 48 19.60 -19.14 -2.22
CA GLU B 48 20.11 -18.27 -1.19
C GLU B 48 19.50 -16.86 -1.36
N ASN B 49 18.93 -16.35 -0.28
CA ASN B 49 18.51 -14.95 -0.20
C ASN B 49 19.58 -14.18 0.61
N PRO B 50 20.32 -13.28 -0.04
CA PRO B 50 21.44 -12.60 0.63
C PRO B 50 20.98 -11.60 1.70
N ARG B 51 19.68 -11.31 1.71
CA ARG B 51 19.06 -10.40 2.68
C ARG B 51 18.52 -11.11 3.91
N LYS B 52 18.69 -12.44 3.99
CA LYS B 52 18.25 -13.21 5.18
C LYS B 52 19.39 -14.04 5.73
N LYS B 53 19.39 -14.20 7.06
CA LYS B 53 20.21 -15.23 7.72
C LYS B 53 19.25 -16.38 7.94
N CYS B 54 19.49 -17.50 7.29
CA CYS B 54 18.55 -18.59 7.32
C CYS B 54 18.82 -19.46 8.57
N MET B 55 17.80 -20.17 9.01
CA MET B 55 17.89 -21.07 10.16
C MET B 55 18.49 -22.42 9.78
N PHE B 56 18.13 -22.91 8.60
CA PHE B 56 18.51 -24.22 8.09
C PHE B 56 19.46 -24.06 6.93
N THR B 57 20.42 -24.95 6.79
CA THR B 57 21.36 -24.89 5.66
C THR B 57 20.58 -25.23 4.43
N LEU B 58 21.12 -24.87 3.26
CA LEU B 58 20.46 -25.12 1.98
C LEU B 58 20.14 -26.61 1.85
N GLU B 59 21.06 -27.45 2.28
CA GLU B 59 20.88 -28.89 2.19
C GLU B 59 19.84 -29.40 3.15
N GLU B 60 19.83 -28.90 4.39
CA GLU B 60 18.76 -29.27 5.35
C GLU B 60 17.37 -28.95 4.75
N ARG B 61 17.28 -27.80 4.08
CA ARG B 61 16.04 -27.40 3.48
C ARG B 61 15.63 -28.27 2.33
N LYS B 62 16.59 -28.63 1.48
CA LYS B 62 16.32 -29.54 0.35
C LYS B 62 15.78 -30.88 0.85
N LYS B 63 16.41 -31.41 1.89
CA LYS B 63 16.02 -32.69 2.46
C LYS B 63 14.62 -32.67 3.06
N LEU B 64 14.29 -31.62 3.81
CA LEU B 64 12.94 -31.47 4.35
C LEU B 64 11.91 -31.43 3.22
N ILE B 65 12.16 -30.61 2.21
CA ILE B 65 11.21 -30.49 1.13
C ILE B 65 11.01 -31.80 0.42
N GLU B 66 12.08 -32.55 0.20
CA GLU B 66 11.98 -33.87 -0.43
C GLU B 66 11.12 -34.84 0.39
N GLU B 67 11.30 -34.84 1.70
CA GLU B 67 10.47 -35.62 2.60
C GLU B 67 9.02 -35.20 2.42
N VAL B 68 8.80 -33.89 2.43
CA VAL B 68 7.45 -33.32 2.38
C VAL B 68 6.72 -33.54 1.03
N LEU B 69 7.43 -33.41 -0.07
CA LEU B 69 6.80 -33.64 -1.37
C LEU B 69 6.90 -35.05 -1.89
N SER B 70 7.30 -35.99 -1.02
CA SER B 70 7.83 -37.30 -1.42
C SER B 70 6.98 -38.04 -2.45
N ASP B 71 5.67 -37.93 -2.33
CA ASP B 71 4.81 -38.60 -3.29
C ASP B 71 3.98 -37.62 -4.15
N LEU B 72 4.62 -36.55 -4.62
CA LEU B 72 4.08 -35.78 -5.71
C LEU B 72 4.89 -36.12 -6.94
N ASP B 73 4.18 -36.37 -8.03
CA ASP B 73 4.77 -36.55 -9.34
C ASP B 73 5.14 -35.20 -9.94
N GLY B 74 6.17 -35.19 -10.76
CA GLY B 74 6.54 -34.03 -11.57
C GLY B 74 7.42 -33.00 -10.86
N VAL B 75 7.71 -33.24 -9.58
CA VAL B 75 8.50 -32.27 -8.83
C VAL B 75 9.91 -32.73 -8.57
N LYS B 76 10.88 -31.86 -8.81
CA LYS B 76 12.24 -32.10 -8.43
C LYS B 76 12.62 -31.00 -7.48
N VAL B 77 13.49 -31.32 -6.51
CA VAL B 77 14.03 -30.37 -5.56
C VAL B 77 15.52 -30.19 -5.80
N ASP B 78 15.98 -28.94 -5.76
CA ASP B 78 17.40 -28.66 -5.99
C ASP B 78 17.82 -27.44 -5.16
N VAL B 79 19.12 -27.17 -5.14
CA VAL B 79 19.64 -25.96 -4.46
C VAL B 79 20.50 -25.15 -5.41
N HIS B 80 20.62 -23.86 -5.14
CA HIS B 80 21.42 -22.96 -5.97
C HIS B 80 21.96 -21.83 -5.12
N HIS B 81 23.26 -21.59 -5.25
CA HIS B 81 23.98 -20.62 -4.43
C HIS B 81 24.14 -19.28 -5.15
N GLY B 82 23.98 -19.25 -6.48
CA GLY B 82 24.31 -18.05 -7.26
C GLY B 82 23.14 -17.20 -7.72
N LEU B 83 23.34 -16.56 -8.86
CA LEU B 83 22.30 -15.73 -9.50
C LEU B 83 21.21 -16.64 -10.04
N LEU B 84 19.98 -16.37 -9.61
CA LEU B 84 18.86 -17.23 -9.94
C LEU B 84 18.76 -17.48 -11.44
N VAL B 85 18.82 -16.42 -12.23
CA VAL B 85 18.63 -16.56 -13.69
C VAL B 85 19.67 -17.47 -14.31
N ASP B 86 20.86 -17.54 -13.72
CA ASP B 86 21.91 -18.46 -14.18
C ASP B 86 21.51 -19.92 -14.06
N TYR B 87 20.79 -20.28 -13.01
CA TYR B 87 20.23 -21.63 -12.89
C TYR B 87 19.25 -21.94 -14.02
N LEU B 88 18.35 -20.99 -14.27
CA LEU B 88 17.37 -21.15 -15.30
C LEU B 88 18.01 -21.26 -16.69
N LYS B 89 19.00 -20.41 -16.97
CA LYS B 89 19.59 -20.34 -18.31
C LYS B 89 20.33 -21.65 -18.57
N LYS B 90 21.07 -22.10 -17.57
CA LYS B 90 21.78 -23.35 -17.59
C LYS B 90 20.89 -24.52 -17.93
N HIS B 91 19.70 -24.56 -17.36
CA HIS B 91 18.79 -25.71 -17.53
C HIS B 91 17.71 -25.50 -18.59
N GLY B 92 17.76 -24.38 -19.30
CA GLY B 92 16.83 -24.11 -20.38
C GLY B 92 15.42 -23.84 -19.87
N ILE B 93 15.30 -23.33 -18.65
CA ILE B 93 14.00 -23.08 -18.06
C ILE B 93 13.72 -21.59 -18.22
N LYS B 94 12.52 -21.25 -18.68
CA LYS B 94 12.14 -19.86 -18.96
C LYS B 94 11.00 -19.32 -18.12
N VAL B 95 10.48 -20.13 -17.20
CA VAL B 95 9.42 -19.73 -16.31
C VAL B 95 9.81 -19.89 -14.85
N LEU B 96 9.50 -18.86 -14.10
CA LEU B 96 9.65 -18.79 -12.68
C LEU B 96 8.27 -18.63 -12.13
N VAL B 97 7.96 -19.38 -11.09
CA VAL B 97 6.70 -19.28 -10.37
C VAL B 97 6.96 -18.66 -9.00
N ARG B 98 6.09 -17.74 -8.60
CA ARG B 98 6.12 -17.16 -7.27
C ARG B 98 4.70 -17.07 -6.73
N GLY B 99 4.54 -17.08 -5.40
CA GLY B 99 3.22 -16.91 -4.76
C GLY B 99 3.08 -15.48 -4.32
N LEU B 100 1.84 -15.01 -4.30
CA LEU B 100 1.46 -13.71 -3.81
C LEU B 100 0.47 -13.85 -2.65
N ARG B 101 0.86 -13.31 -1.50
CA ARG B 101 0.09 -13.28 -0.28
C ARG B 101 -0.30 -11.86 0.08
N ALA B 102 -1.31 -11.72 0.93
CA ALA B 102 -1.68 -10.41 1.52
C ALA B 102 -0.46 -9.74 2.18
N VAL B 103 0.44 -10.55 2.74
CA VAL B 103 1.63 -10.04 3.41
C VAL B 103 2.89 -9.98 2.54
N THR B 104 2.76 -10.30 1.26
CA THR B 104 3.82 -10.12 0.29
C THR B 104 4.20 -8.62 0.06
N ASP B 105 5.51 -8.39 0.00
CA ASP B 105 6.05 -7.11 -0.46
C ASP B 105 5.94 -7.07 -1.99
N TYR B 106 4.85 -6.46 -2.47
CA TYR B 106 4.49 -6.51 -3.88
C TYR B 106 5.56 -5.81 -4.75
N GLU B 107 6.11 -4.72 -4.24
CA GLU B 107 7.09 -3.92 -4.95
C GLU B 107 8.43 -4.65 -5.09
N TYR B 108 8.76 -5.44 -4.08
CA TYR B 108 9.95 -6.27 -4.10
C TYR B 108 9.85 -7.41 -5.15
N GLU B 109 8.69 -8.06 -5.17
CA GLU B 109 8.40 -9.06 -6.18
C GLU B 109 8.50 -8.47 -7.56
N LEU B 110 7.88 -7.30 -7.74
CA LEU B 110 7.81 -6.63 -9.01
C LEU B 110 9.19 -6.22 -9.44
N GLN B 111 9.95 -5.66 -8.51
CA GLN B 111 11.36 -5.32 -8.75
C GLN B 111 12.20 -6.51 -9.21
N MET B 112 12.04 -7.63 -8.53
CA MET B 112 12.84 -8.83 -8.80
C MET B 112 12.44 -9.44 -10.13
N ALA B 113 11.13 -9.51 -10.39
CA ALA B 113 10.65 -10.00 -11.69
C ALA B 113 11.23 -9.17 -12.84
N LEU B 114 11.14 -7.85 -12.72
CA LEU B 114 11.61 -6.97 -13.78
C LEU B 114 13.14 -7.02 -13.89
N ALA B 115 13.85 -7.12 -12.78
CA ALA B 115 15.32 -7.25 -12.83
C ALA B 115 15.67 -8.59 -13.50
N ASN B 116 15.06 -9.67 -13.03
CA ASN B 116 15.31 -11.00 -13.58
C ASN B 116 15.06 -11.04 -15.09
N LYS B 117 14.04 -10.34 -15.56
CA LYS B 117 13.71 -10.29 -17.00
C LYS B 117 14.73 -9.44 -17.79
N LYS B 118 15.21 -8.36 -17.19
CA LYS B 118 16.33 -7.62 -17.78
C LYS B 118 17.61 -8.47 -17.87
N LEU B 119 17.85 -9.34 -16.90
CA LEU B 119 19.04 -10.22 -16.93
C LEU B 119 18.86 -11.44 -17.82
N TYR B 120 17.61 -11.79 -18.13
CA TYR B 120 17.30 -13.00 -18.87
C TYR B 120 16.01 -12.74 -19.62
N SER B 121 16.13 -12.24 -20.83
CA SER B 121 15.01 -11.64 -21.56
C SER B 121 13.87 -12.60 -21.90
N ASP B 122 14.23 -13.89 -22.08
CA ASP B 122 13.23 -14.93 -22.36
C ASP B 122 12.37 -15.30 -21.15
N LEU B 123 12.74 -14.82 -19.97
CA LEU B 123 12.13 -15.23 -18.74
C LEU B 123 10.75 -14.75 -18.64
N GLU B 124 9.91 -15.51 -17.99
CA GLU B 124 8.60 -15.04 -17.55
C GLU B 124 8.48 -15.43 -16.09
N THR B 125 8.24 -14.48 -15.21
CA THR B 125 7.84 -14.77 -13.85
C THR B 125 6.33 -14.74 -13.81
N VAL B 126 5.77 -15.83 -13.29
CA VAL B 126 4.35 -16.03 -13.20
C VAL B 126 4.01 -16.11 -11.70
N PHE B 127 2.94 -15.43 -11.30
CA PHE B 127 2.50 -15.45 -9.93
C PHE B 127 1.14 -16.13 -9.76
N LEU B 128 1.08 -17.00 -8.75
CA LEU B 128 -0.16 -17.55 -8.23
C LEU B 128 -0.57 -16.87 -6.92
N ILE B 129 -1.87 -16.77 -6.68
CA ILE B 129 -2.38 -16.14 -5.42
C ILE B 129 -2.50 -17.24 -4.35
N ALA B 130 -1.87 -17.00 -3.21
CA ALA B 130 -2.04 -17.82 -2.01
C ALA B 130 -3.50 -17.81 -1.61
N SER B 131 -4.03 -18.97 -1.23
CA SER B 131 -5.37 -19.09 -0.69
C SER B 131 -5.47 -18.26 0.56
N GLU B 132 -6.70 -17.93 0.94
CA GLU B 132 -6.97 -17.12 2.09
C GLU B 132 -6.28 -17.65 3.31
N LYS B 133 -6.31 -18.98 3.48
CA LYS B 133 -5.81 -19.56 4.72
C LYS B 133 -4.32 -19.44 4.86
N PHE B 134 -3.63 -19.25 3.74
CA PHE B 134 -2.17 -19.17 3.78
C PHE B 134 -1.65 -17.78 3.43
N SER B 135 -2.56 -16.82 3.24
CA SER B 135 -2.26 -15.49 2.72
C SER B 135 -1.61 -14.58 3.75
N PHE B 136 -1.59 -14.99 5.02
CA PHE B 136 -1.00 -14.21 6.13
C PHE B 136 0.05 -14.99 6.90
N ILE B 137 0.50 -16.11 6.36
CA ILE B 137 1.63 -16.82 6.93
C ILE B 137 2.92 -16.65 6.10
N SER B 138 4.04 -17.02 6.74
CA SER B 138 5.36 -16.90 6.20
C SER B 138 6.23 -17.82 7.02
N SER B 139 7.37 -18.21 6.45
CA SER B 139 8.40 -19.00 7.18
C SER B 139 8.90 -18.25 8.40
N SER B 140 9.00 -16.94 8.27
CA SER B 140 9.40 -16.06 9.36
C SER B 140 8.48 -16.13 10.55
N LEU B 141 7.20 -16.08 10.29
CA LEU B 141 6.19 -16.14 11.36
C LEU B 141 6.30 -17.47 12.06
N VAL B 142 6.42 -18.51 11.28
CA VAL B 142 6.57 -19.88 11.76
C VAL B 142 7.75 -20.01 12.71
N LYS B 143 8.90 -19.55 12.27
CA LYS B 143 10.14 -19.65 13.03
C LYS B 143 10.03 -18.91 14.33
N GLU B 144 9.49 -17.68 14.28
CA GLU B 144 9.32 -16.88 15.49
C GLU B 144 8.40 -17.54 16.50
N VAL B 145 7.30 -18.10 16.03
CA VAL B 145 6.36 -18.77 16.93
C VAL B 145 6.98 -20.07 17.50
N ALA B 146 7.60 -20.88 16.64
CA ALA B 146 8.23 -22.11 17.12
C ALA B 146 9.32 -21.76 18.10
N LEU B 147 10.11 -20.71 17.82
CA LEU B 147 11.19 -20.31 18.72
C LEU B 147 10.75 -20.05 20.14
N TYR B 148 9.53 -19.53 20.31
CA TYR B 148 8.96 -19.31 21.63
C TYR B 148 8.09 -20.45 22.09
N GLY B 149 8.17 -21.58 21.40
CA GLY B 149 7.48 -22.80 21.85
C GLY B 149 6.02 -22.85 21.45
N GLY B 150 5.58 -22.00 20.54
CA GLY B 150 4.19 -22.07 20.13
C GLY B 150 3.94 -23.19 19.14
N ASP B 151 2.67 -23.55 19.01
CA ASP B 151 2.30 -24.58 18.08
C ASP B 151 2.23 -24.02 16.65
N VAL B 152 3.06 -24.55 15.74
CA VAL B 152 3.05 -24.17 14.32
C VAL B 152 2.48 -25.27 13.39
N THR B 153 1.80 -26.21 14.01
CA THR B 153 1.25 -27.40 13.39
C THR B 153 0.21 -27.15 12.29
N GLU B 154 -0.49 -26.04 12.36
CA GLU B 154 -1.44 -25.73 11.33
C GLU B 154 -0.82 -25.00 10.11
N TRP B 155 0.48 -24.68 10.19
CA TRP B 155 1.14 -23.89 9.17
C TRP B 155 2.21 -24.61 8.40
N VAL B 156 2.68 -25.71 8.93
CA VAL B 156 3.80 -26.43 8.33
C VAL B 156 3.47 -27.92 8.34
N PRO B 157 4.06 -28.70 7.41
CA PRO B 157 3.94 -30.16 7.49
C PRO B 157 4.55 -30.69 8.79
N PRO B 158 4.07 -31.83 9.26
CA PRO B 158 4.59 -32.45 10.47
C PRO B 158 6.11 -32.61 10.51
N GLU B 159 6.71 -33.00 9.38
CA GLU B 159 8.17 -33.14 9.24
C GLU B 159 8.88 -31.85 9.60
N VAL B 160 8.27 -30.72 9.22
CA VAL B 160 8.86 -29.41 9.46
C VAL B 160 8.72 -28.99 10.93
N ALA B 161 7.54 -29.24 11.51
CA ALA B 161 7.34 -29.02 12.95
C ALA B 161 8.39 -29.79 13.76
N ARG B 162 8.61 -31.04 13.40
CA ARG B 162 9.64 -31.85 14.02
C ARG B 162 11.00 -31.17 13.87
N ALA B 163 11.39 -30.86 12.63
CA ALA B 163 12.70 -30.24 12.37
C ALA B 163 12.85 -28.91 13.13
N LEU B 164 11.80 -28.12 13.20
CA LEU B 164 11.86 -26.86 13.96
C LEU B 164 12.08 -27.08 15.42
N ASN B 165 11.35 -28.04 15.97
CA ASN B 165 11.51 -28.38 17.35
C ASN B 165 12.96 -28.77 17.66
N GLU B 166 13.54 -29.65 16.84
CA GLU B 166 14.92 -30.09 17.06
C GLU B 166 15.86 -28.92 17.03
N LYS B 167 15.78 -28.13 15.98
CA LYS B 167 16.62 -26.95 15.83
C LYS B 167 16.53 -26.01 17.04
N LEU B 168 15.37 -25.87 17.66
CA LEU B 168 15.20 -24.99 18.83
C LEU B 168 15.65 -25.64 20.16
N LYS B 169 16.14 -26.87 20.09
CA LYS B 169 16.83 -27.54 21.21
C LYS B 169 18.34 -27.38 21.00
N GLU B 170 18.86 -27.76 19.84
CA GLU B 170 20.27 -27.46 19.49
C GLU B 170 20.73 -26.07 19.97
N MET C 13 11.02 31.85 -10.35
CA MET C 13 10.51 30.83 -11.36
C MET C 13 9.05 30.48 -11.06
N LYS C 14 8.31 30.21 -12.13
CA LYS C 14 6.87 30.00 -12.11
C LYS C 14 6.53 28.53 -11.92
N ALA C 15 5.47 28.28 -11.14
CA ALA C 15 4.90 26.95 -11.00
C ALA C 15 3.38 27.03 -11.04
N VAL C 16 2.75 25.93 -11.44
CA VAL C 16 1.33 25.78 -11.38
C VAL C 16 0.97 24.76 -10.31
N TYR C 17 0.00 25.12 -9.49
CA TYR C 17 -0.60 24.22 -8.53
C TYR C 17 -1.98 23.86 -9.01
N PRO C 18 -2.11 22.73 -9.68
CA PRO C 18 -3.38 22.39 -10.27
C PRO C 18 -4.26 21.55 -9.31
N GLY C 19 -5.56 21.73 -9.40
CA GLY C 19 -6.45 20.95 -8.58
C GLY C 19 -7.88 21.26 -8.80
N SER C 20 -8.74 20.39 -8.29
CA SER C 20 -10.19 20.61 -8.35
C SER C 20 -10.58 21.71 -7.34
N PHE C 21 -9.87 21.83 -6.23
CA PHE C 21 -10.18 22.87 -5.20
C PHE C 21 -11.67 23.02 -5.02
N ASP C 22 -12.32 21.90 -4.68
CA ASP C 22 -13.80 21.84 -4.69
C ASP C 22 -14.36 21.36 -3.36
N PRO C 23 -14.30 22.18 -2.29
CA PRO C 23 -13.61 23.48 -2.27
C PRO C 23 -12.18 23.44 -1.78
N ILE C 24 -11.54 24.60 -1.84
CA ILE C 24 -10.22 24.76 -1.26
C ILE C 24 -10.27 24.60 0.28
N THR C 25 -9.32 23.83 0.80
CA THR C 25 -9.19 23.59 2.23
C THR C 25 -7.96 24.31 2.78
N LEU C 26 -7.80 24.23 4.09
CA LEU C 26 -6.65 24.80 4.78
C LEU C 26 -5.38 24.00 4.45
N GLY C 27 -5.54 22.74 4.06
CA GLY C 27 -4.42 21.94 3.56
C GLY C 27 -3.85 22.50 2.27
N HIS C 28 -4.74 22.85 1.35
CA HIS C 28 -4.34 23.45 0.08
C HIS C 28 -3.64 24.80 0.30
N VAL C 29 -4.18 25.58 1.21
CA VAL C 29 -3.65 26.91 1.47
C VAL C 29 -2.23 26.77 2.01
N ASP C 30 -2.03 25.75 2.86
CA ASP C 30 -0.70 25.46 3.41
C ASP C 30 0.33 25.12 2.33
N ILE C 31 -0.06 24.27 1.38
CA ILE C 31 0.78 23.93 0.23
C ILE C 31 1.09 25.16 -0.61
N ILE C 32 0.07 26.00 -0.85
CA ILE C 32 0.28 27.23 -1.60
C ILE C 32 1.31 28.15 -0.93
N LYS C 33 1.11 28.43 0.35
CA LYS C 33 2.03 29.29 1.09
C LYS C 33 3.46 28.71 1.04
N ARG C 34 3.56 27.40 1.22
CA ARG C 34 4.87 26.75 1.24
C ARG C 34 5.53 26.70 -0.11
N ALA C 35 4.75 26.43 -1.14
CA ALA C 35 5.22 26.48 -2.51
C ALA C 35 5.78 27.86 -2.88
N LEU C 36 5.13 28.92 -2.41
CA LEU C 36 5.62 30.27 -2.63
C LEU C 36 7.00 30.53 -2.05
N SER C 37 7.40 29.79 -1.02
CA SER C 37 8.77 29.91 -0.49
C SER C 37 9.83 29.28 -1.42
N ILE C 38 9.41 28.57 -2.45
CA ILE C 38 10.33 27.98 -3.43
C ILE C 38 10.17 28.58 -4.82
N PHE C 39 8.93 28.83 -5.23
CA PHE C 39 8.64 29.41 -6.54
C PHE C 39 8.18 30.83 -6.35
N ASP C 40 8.81 31.77 -7.02
CA ASP C 40 8.44 33.17 -6.86
C ASP C 40 7.00 33.46 -7.30
N GLU C 41 6.55 32.79 -8.34
CA GLU C 41 5.21 32.98 -8.88
C GLU C 41 4.48 31.65 -8.89
N LEU C 42 3.26 31.66 -8.38
CA LEU C 42 2.43 30.47 -8.34
C LEU C 42 1.10 30.72 -9.02
N VAL C 43 0.75 29.86 -9.95
CA VAL C 43 -0.57 29.87 -10.49
C VAL C 43 -1.37 28.77 -9.84
N VAL C 44 -2.40 29.16 -9.10
CA VAL C 44 -3.35 28.18 -8.59
C VAL C 44 -4.40 27.96 -9.69
N LEU C 45 -4.39 26.75 -10.24
CA LEU C 45 -5.17 26.44 -11.41
C LEU C 45 -6.31 25.51 -11.07
N VAL C 46 -7.52 26.07 -11.09
CA VAL C 46 -8.72 25.28 -10.93
C VAL C 46 -8.94 24.55 -12.25
N THR C 47 -8.73 23.23 -12.20
CA THR C 47 -8.78 22.42 -13.41
C THR C 47 -9.80 21.30 -13.28
N GLU C 48 -10.43 21.00 -14.41
CA GLU C 48 -11.49 19.97 -14.50
C GLU C 48 -10.90 18.54 -14.29
N ASN C 49 -11.39 17.86 -13.27
CA ASN C 49 -11.09 16.44 -13.11
C ASN C 49 -12.28 15.64 -13.65
N PRO C 50 -12.10 14.96 -14.79
CA PRO C 50 -13.22 14.28 -15.45
C PRO C 50 -13.70 13.06 -14.66
N ARG C 51 -12.96 12.65 -13.63
CA ARG C 51 -13.37 11.52 -12.79
C ARG C 51 -14.14 11.98 -11.53
N LYS C 52 -14.47 13.28 -11.47
CA LYS C 52 -15.21 13.88 -10.37
C LYS C 52 -16.43 14.67 -10.90
N LYS C 53 -17.54 14.60 -10.16
CA LYS C 53 -18.67 15.50 -10.36
C LYS C 53 -18.55 16.56 -9.28
N CYS C 54 -18.29 17.79 -9.70
CA CYS C 54 -17.91 18.82 -8.71
C CYS C 54 -19.14 19.49 -8.09
N MET C 55 -18.97 20.00 -6.87
CA MET C 55 -20.04 20.73 -6.15
C MET C 55 -20.18 22.17 -6.62
N PHE C 56 -19.05 22.82 -6.84
CA PHE C 56 -18.99 24.22 -7.22
C PHE C 56 -18.51 24.29 -8.67
N THR C 57 -18.98 25.27 -9.42
CA THR C 57 -18.48 25.46 -10.80
C THR C 57 -17.06 25.92 -10.71
N LEU C 58 -16.34 25.84 -11.84
CA LEU C 58 -14.92 26.28 -11.91
C LEU C 58 -14.80 27.74 -11.50
N GLU C 59 -15.73 28.58 -11.94
CA GLU C 59 -15.67 29.99 -11.60
C GLU C 59 -16.02 30.26 -10.15
N GLU C 60 -17.00 29.54 -9.59
CA GLU C 60 -17.29 29.64 -8.15
C GLU C 60 -16.04 29.29 -7.35
N ARG C 61 -15.31 28.27 -7.79
CA ARG C 61 -14.09 27.84 -7.10
C ARG C 61 -12.97 28.85 -7.22
N LYS C 62 -12.81 29.44 -8.40
CA LYS C 62 -11.83 30.52 -8.62
C LYS C 62 -12.09 31.71 -7.69
N LYS C 63 -13.34 32.18 -7.63
CA LYS C 63 -13.68 33.33 -6.79
C LYS C 63 -13.43 33.06 -5.31
N LEU C 64 -13.74 31.85 -4.84
CA LEU C 64 -13.50 31.47 -3.47
C LEU C 64 -12.02 31.55 -3.16
N ILE C 65 -11.21 30.93 -3.99
CA ILE C 65 -9.75 30.90 -3.82
C ILE C 65 -9.16 32.31 -3.82
N GLU C 66 -9.67 33.18 -4.71
CA GLU C 66 -9.23 34.57 -4.74
C GLU C 66 -9.56 35.31 -3.43
N GLU C 67 -10.75 35.08 -2.89
CA GLU C 67 -11.13 35.67 -1.60
C GLU C 67 -10.15 35.15 -0.55
N VAL C 68 -9.89 33.86 -0.57
CA VAL C 68 -9.10 33.21 0.47
C VAL C 68 -7.64 33.61 0.44
N LEU C 69 -7.07 33.73 -0.75
CA LEU C 69 -5.67 34.06 -0.93
C LEU C 69 -5.43 35.56 -1.04
N SER C 70 -6.44 36.37 -0.79
CA SER C 70 -6.50 37.75 -1.26
C SER C 70 -5.27 38.62 -0.94
N ASP C 71 -4.63 38.37 0.19
CA ASP C 71 -3.41 39.11 0.56
C ASP C 71 -2.10 38.30 0.54
N LEU C 72 -2.01 37.34 -0.37
CA LEU C 72 -0.73 36.70 -0.64
C LEU C 72 -0.16 37.36 -1.88
N ASP C 73 1.13 37.69 -1.79
CA ASP C 73 1.86 38.11 -2.97
C ASP C 73 2.28 36.90 -3.76
N GLY C 74 2.47 37.09 -5.05
CA GLY C 74 3.06 36.08 -5.89
C GLY C 74 2.12 35.03 -6.43
N VAL C 75 0.85 35.06 -6.00
CA VAL C 75 -0.14 34.07 -6.40
C VAL C 75 -1.19 34.60 -7.34
N LYS C 76 -1.45 33.87 -8.42
CA LYS C 76 -2.54 34.17 -9.33
C LYS C 76 -3.42 32.94 -9.39
N VAL C 77 -4.71 33.16 -9.57
CA VAL C 77 -5.69 32.08 -9.65
C VAL C 77 -6.31 32.08 -11.05
N ASP C 78 -6.44 30.90 -11.63
CA ASP C 78 -6.94 30.75 -13.00
C ASP C 78 -7.76 29.47 -13.11
N VAL C 79 -8.47 29.32 -14.23
CA VAL C 79 -9.20 28.07 -14.50
C VAL C 79 -8.78 27.48 -15.85
N HIS C 80 -8.94 26.17 -15.98
CA HIS C 80 -8.58 25.48 -17.21
C HIS C 80 -9.55 24.31 -17.40
N HIS C 81 -10.11 24.19 -18.61
CA HIS C 81 -11.06 23.11 -18.93
C HIS C 81 -10.41 21.95 -19.66
N GLY C 82 -9.22 22.13 -20.21
CA GLY C 82 -8.63 21.07 -21.06
C GLY C 82 -7.49 20.24 -20.43
N LEU C 83 -6.58 19.82 -21.30
CA LEU C 83 -5.45 19.01 -20.90
C LEU C 83 -4.49 19.90 -20.17
N LEU C 84 -4.15 19.51 -18.96
CA LEU C 84 -3.32 20.34 -18.06
C LEU C 84 -2.03 20.84 -18.71
N VAL C 85 -1.30 19.93 -19.34
CA VAL C 85 -0.01 20.30 -19.91
C VAL C 85 -0.16 21.35 -21.02
N ASP C 86 -1.31 21.44 -21.66
CA ASP C 86 -1.55 22.49 -22.65
C ASP C 86 -1.61 23.89 -22.01
N TYR C 87 -2.16 23.99 -20.81
CA TYR C 87 -2.09 25.22 -20.04
C TYR C 87 -0.64 25.62 -19.76
N LEU C 88 0.15 24.68 -19.29
CA LEU C 88 1.53 24.97 -18.98
C LEU C 88 2.37 25.35 -20.21
N LYS C 89 2.15 24.63 -21.31
CA LYS C 89 2.93 24.83 -22.53
C LYS C 89 2.66 26.22 -23.08
N LYS C 90 1.36 26.56 -23.15
CA LYS C 90 0.87 27.88 -23.56
C LYS C 90 1.49 29.03 -22.79
N HIS C 91 1.73 28.85 -21.48
CA HIS C 91 2.24 29.95 -20.62
C HIS C 91 3.72 29.81 -20.29
N GLY C 92 4.37 28.84 -20.91
CA GLY C 92 5.79 28.61 -20.70
C GLY C 92 6.14 28.22 -19.28
N ILE C 93 5.23 27.51 -18.61
CA ILE C 93 5.47 27.03 -17.26
C ILE C 93 5.90 25.57 -17.34
N LYS C 94 6.95 25.22 -16.59
CA LYS C 94 7.58 23.91 -16.66
C LYS C 94 7.56 23.18 -15.33
N VAL C 95 6.90 23.74 -14.31
CA VAL C 95 6.84 23.10 -13.01
C VAL C 95 5.40 23.05 -12.54
N LEU C 96 5.00 21.86 -12.09
CA LEU C 96 3.73 21.56 -11.49
C LEU C 96 4.03 21.23 -10.04
N VAL C 97 3.23 21.75 -9.13
CA VAL C 97 3.33 21.40 -7.71
C VAL C 97 2.12 20.64 -7.28
N ARG C 98 2.35 19.58 -6.50
CA ARG C 98 1.23 18.83 -5.94
C ARG C 98 1.56 18.46 -4.50
N GLY C 99 0.54 18.24 -3.69
CA GLY C 99 0.73 17.89 -2.29
C GLY C 99 0.55 16.39 -2.12
N LEU C 100 1.26 15.84 -1.15
CA LEU C 100 1.16 14.43 -0.79
C LEU C 100 0.72 14.28 0.67
N ARG C 101 -0.38 13.57 0.84
CA ARG C 101 -0.90 13.26 2.13
C ARG C 101 -0.83 11.76 2.41
N ALA C 102 -1.02 11.39 3.67
CA ALA C 102 -1.19 9.98 4.03
C ALA C 102 -2.37 9.35 3.25
N VAL C 103 -3.41 10.12 2.97
CA VAL C 103 -4.57 9.63 2.22
C VAL C 103 -4.47 9.78 0.70
N THR C 104 -3.32 10.26 0.23
CA THR C 104 -3.08 10.38 -1.21
C THR C 104 -2.98 9.00 -1.89
N ASP C 105 -3.62 8.87 -3.04
CA ASP C 105 -3.43 7.73 -3.95
C ASP C 105 -2.10 7.95 -4.71
N TYR C 106 -1.04 7.38 -4.14
CA TYR C 106 0.33 7.61 -4.57
C TYR C 106 0.56 7.15 -6.00
N GLU C 107 -0.04 6.02 -6.39
CA GLU C 107 0.15 5.47 -7.74
C GLU C 107 -0.57 6.35 -8.77
N TYR C 108 -1.68 6.94 -8.35
CA TYR C 108 -2.39 7.88 -9.21
C TYR C 108 -1.52 9.12 -9.49
N GLU C 109 -0.93 9.66 -8.44
CA GLU C 109 -0.05 10.81 -8.55
C GLU C 109 1.12 10.52 -9.45
N LEU C 110 1.75 9.35 -9.24
CA LEU C 110 2.88 8.92 -10.05
C LEU C 110 2.48 8.74 -11.50
N GLN C 111 1.37 8.05 -11.72
CA GLN C 111 0.85 7.84 -13.07
C GLN C 111 0.67 9.18 -13.81
N MET C 112 0.04 10.15 -13.16
CA MET C 112 -0.24 11.41 -13.79
C MET C 112 1.03 12.18 -14.03
N ALA C 113 1.94 12.17 -13.06
CA ALA C 113 3.24 12.83 -13.21
C ALA C 113 4.03 12.28 -14.40
N LEU C 114 4.02 10.96 -14.51
CA LEU C 114 4.72 10.29 -15.61
C LEU C 114 4.03 10.49 -16.95
N ALA C 115 2.70 10.49 -16.95
CA ALA C 115 1.94 10.75 -18.15
C ALA C 115 2.16 12.17 -18.59
N ASN C 116 2.04 13.11 -17.68
CA ASN C 116 2.25 14.51 -18.00
C ASN C 116 3.65 14.77 -18.57
N LYS C 117 4.66 14.10 -18.02
CA LYS C 117 6.01 14.27 -18.47
C LYS C 117 6.14 13.72 -19.89
N LYS C 118 5.45 12.63 -20.19
CA LYS C 118 5.48 12.04 -21.51
C LYS C 118 4.86 13.04 -22.51
N LEU C 119 3.78 13.70 -22.10
CA LEU C 119 3.09 14.68 -22.98
C LEU C 119 3.83 16.01 -23.07
N TYR C 120 4.68 16.30 -22.10
CA TYR C 120 5.39 17.55 -22.00
C TYR C 120 6.75 17.26 -21.39
N SER C 121 7.73 17.00 -22.24
CA SER C 121 8.99 16.41 -21.71
C SER C 121 9.82 17.37 -20.82
N ASP C 122 9.65 18.68 -20.98
CA ASP C 122 10.31 19.64 -20.11
C ASP C 122 9.70 19.77 -18.70
N LEU C 123 8.55 19.11 -18.49
CA LEU C 123 7.79 19.24 -17.24
C LEU C 123 8.52 18.60 -16.07
N GLU C 124 8.39 19.24 -14.91
CA GLU C 124 8.77 18.62 -13.65
C GLU C 124 7.59 18.77 -12.75
N THR C 125 7.10 17.66 -12.23
CA THR C 125 6.14 17.70 -11.16
C THR C 125 6.93 17.54 -9.85
N VAL C 126 6.66 18.48 -8.96
CA VAL C 126 7.33 18.61 -7.70
C VAL C 126 6.24 18.38 -6.65
N PHE C 127 6.54 17.52 -5.68
CA PHE C 127 5.62 17.27 -4.58
C PHE C 127 6.15 17.81 -3.26
N LEU C 128 5.27 18.48 -2.54
CA LEU C 128 5.44 18.80 -1.13
C LEU C 128 4.60 17.86 -0.24
N ILE C 129 5.07 17.65 0.99
CA ILE C 129 4.40 16.78 1.95
C ILE C 129 3.41 17.65 2.71
N ALA C 130 2.17 17.23 2.80
CA ALA C 130 1.23 17.82 3.75
C ALA C 130 1.72 17.67 5.18
N SER C 131 1.52 18.71 5.99
CA SER C 131 1.78 18.59 7.41
C SER C 131 0.84 17.54 7.98
N GLU C 132 1.21 17.01 9.14
CA GLU C 132 0.44 15.96 9.82
C GLU C 132 -1.03 16.37 10.00
N LYS C 133 -1.22 17.64 10.34
CA LYS C 133 -2.56 18.09 10.66
C LYS C 133 -3.46 18.08 9.45
N PHE C 134 -2.90 18.21 8.24
CA PHE C 134 -3.73 18.18 7.01
C PHE C 134 -3.56 16.93 6.17
N SER C 135 -2.84 15.95 6.69
CA SER C 135 -2.47 14.76 5.91
C SER C 135 -3.63 13.79 5.75
N PHE C 136 -4.70 13.97 6.52
CA PHE C 136 -5.83 13.07 6.43
C PHE C 136 -7.13 13.77 6.07
N ILE C 137 -7.07 15.03 5.64
CA ILE C 137 -8.25 15.69 5.13
C ILE C 137 -8.22 15.78 3.61
N SER C 138 -9.39 16.08 3.06
CA SER C 138 -9.60 16.19 1.65
C SER C 138 -10.83 17.03 1.50
N SER C 139 -11.02 17.58 0.31
CA SER C 139 -12.24 18.32 -0.04
C SER C 139 -13.47 17.43 0.07
N SER C 140 -13.31 16.19 -0.34
CA SER C 140 -14.35 15.20 -0.29
C SER C 140 -14.86 14.98 1.15
N LEU C 141 -13.94 14.86 2.08
CA LEU C 141 -14.28 14.69 3.49
C LEU C 141 -15.04 15.91 3.96
N VAL C 142 -14.51 17.07 3.61
CA VAL C 142 -15.12 18.34 3.95
C VAL C 142 -16.60 18.45 3.51
N LYS C 143 -16.83 18.14 2.25
CA LYS C 143 -18.16 18.20 1.67
C LYS C 143 -19.08 17.22 2.33
N GLU C 144 -18.59 16.01 2.56
CA GLU C 144 -19.43 14.97 3.15
C GLU C 144 -19.89 15.40 4.52
N VAL C 145 -18.94 15.90 5.32
CA VAL C 145 -19.25 16.34 6.69
C VAL C 145 -20.19 17.55 6.68
N ALA C 146 -19.90 18.55 5.85
CA ALA C 146 -20.76 19.74 5.77
C ALA C 146 -22.16 19.38 5.32
N LEU C 147 -22.27 18.49 4.32
CA LEU C 147 -23.59 18.11 3.80
C LEU C 147 -24.49 17.44 4.85
N TYR C 148 -23.91 16.82 5.87
CA TYR C 148 -24.71 16.31 6.99
C TYR C 148 -24.73 17.30 8.15
N GLY C 149 -24.26 18.51 7.92
CA GLY C 149 -24.36 19.57 8.92
C GLY C 149 -23.29 19.54 10.00
N GLY C 150 -22.19 18.84 9.74
CA GLY C 150 -21.09 18.84 10.68
C GLY C 150 -20.23 20.08 10.55
N ASP C 151 -19.49 20.35 11.61
CA ASP C 151 -18.59 21.50 11.65
C ASP C 151 -17.28 21.24 10.88
N VAL C 152 -17.02 22.00 9.81
CA VAL C 152 -15.79 21.85 9.03
C VAL C 152 -14.85 23.05 9.20
N THR C 153 -15.08 23.81 10.25
CA THR C 153 -14.38 25.07 10.52
C THR C 153 -12.88 24.92 10.69
N GLU C 154 -12.45 23.78 11.19
CA GLU C 154 -11.03 23.52 11.43
C GLU C 154 -10.31 23.02 10.15
N TRP C 155 -11.04 22.81 9.06
CA TRP C 155 -10.48 22.21 7.85
C TRP C 155 -10.49 23.15 6.65
N VAL C 156 -11.27 24.21 6.72
CA VAL C 156 -11.47 25.10 5.58
C VAL C 156 -11.42 26.53 6.07
N PRO C 157 -11.04 27.48 5.22
CA PRO C 157 -11.16 28.91 5.57
C PRO C 157 -12.61 29.27 5.81
N PRO C 158 -12.87 30.35 6.57
CA PRO C 158 -14.24 30.77 6.88
C PRO C 158 -15.11 31.10 5.66
N GLU C 159 -14.48 31.68 4.64
CA GLU C 159 -15.10 31.92 3.33
C GLU C 159 -15.70 30.66 2.73
N VAL C 160 -14.98 29.56 2.88
CA VAL C 160 -15.38 28.27 2.35
C VAL C 160 -16.47 27.61 3.17
N ALA C 161 -16.37 27.73 4.49
CA ALA C 161 -17.42 27.27 5.39
C ALA C 161 -18.78 27.96 5.06
N ARG C 162 -18.73 29.27 4.86
CA ARG C 162 -19.93 30.00 4.43
C ARG C 162 -20.47 29.49 3.11
N ALA C 163 -19.57 29.35 2.12
CA ALA C 163 -19.92 28.89 0.79
C ALA C 163 -20.55 27.50 0.83
N LEU C 164 -20.00 26.61 1.65
CA LEU C 164 -20.53 25.27 1.84
C LEU C 164 -21.91 25.27 2.46
N ASN C 165 -22.05 26.10 3.48
CA ASN C 165 -23.30 26.23 4.19
C ASN C 165 -24.42 26.69 3.24
N GLU C 166 -24.12 27.67 2.40
CA GLU C 166 -25.09 28.17 1.42
C GLU C 166 -25.45 27.07 0.43
N LYS C 167 -24.44 26.47 -0.18
CA LYS C 167 -24.69 25.40 -1.14
C LYS C 167 -25.57 24.25 -0.56
N LEU C 168 -25.44 23.98 0.74
CA LEU C 168 -26.24 22.95 1.46
C LEU C 168 -27.72 23.37 1.70
N LYS C 169 -28.02 24.63 1.45
CA LYS C 169 -29.39 25.12 1.52
C LYS C 169 -29.96 25.19 0.11
N GLU C 170 -29.27 25.92 -0.76
CA GLU C 170 -29.67 26.08 -2.18
C GLU C 170 -30.30 24.84 -2.85
N MET D 13 -13.08 -4.58 32.28
CA MET D 13 -12.48 -5.60 31.39
C MET D 13 -11.00 -5.36 31.17
N LYS D 14 -10.22 -6.44 31.16
CA LYS D 14 -8.77 -6.33 31.11
C LYS D 14 -8.28 -6.48 29.67
N ALA D 15 -7.26 -5.71 29.33
CA ALA D 15 -6.63 -5.80 28.05
C ALA D 15 -5.15 -5.68 28.29
N VAL D 16 -4.37 -6.21 27.35
CA VAL D 16 -2.94 -6.08 27.33
C VAL D 16 -2.57 -5.19 26.16
N TYR D 17 -1.69 -4.21 26.39
CA TYR D 17 -1.09 -3.41 25.32
C TYR D 17 0.35 -3.86 25.23
N PRO D 18 0.66 -4.72 24.27
CA PRO D 18 1.99 -5.27 24.20
C PRO D 18 2.88 -4.47 23.26
N GLY D 19 4.16 -4.40 23.59
CA GLY D 19 5.09 -3.69 22.73
C GLY D 19 6.51 -3.72 23.19
N SER D 20 7.40 -3.31 22.31
CA SER D 20 8.77 -3.17 22.59
C SER D 20 8.98 -2.00 23.52
N PHE D 21 8.23 -0.93 23.35
CA PHE D 21 8.37 0.29 24.12
C PHE D 21 9.84 0.61 24.36
N ASP D 22 10.59 0.80 23.27
CA ASP D 22 12.06 0.92 23.32
C ASP D 22 12.56 2.16 22.60
N PRO D 23 12.31 3.35 23.15
CA PRO D 23 11.56 3.54 24.37
C PRO D 23 10.10 3.93 24.13
N ILE D 24 9.36 4.04 25.21
CA ILE D 24 8.00 4.57 25.13
C ILE D 24 8.01 6.03 24.64
N THR D 25 7.13 6.31 23.68
CA THR D 25 6.93 7.64 23.17
C THR D 25 5.60 8.22 23.68
N LEU D 26 5.35 9.50 23.36
CA LEU D 26 4.09 10.13 23.66
C LEU D 26 2.93 9.49 22.88
N GLY D 27 3.25 8.90 21.73
CA GLY D 27 2.28 8.21 20.93
C GLY D 27 1.73 7.00 21.67
N HIS D 28 2.62 6.26 22.30
CA HIS D 28 2.23 5.11 23.15
C HIS D 28 1.45 5.55 24.35
N VAL D 29 1.88 6.64 24.96
CA VAL D 29 1.14 7.14 26.14
C VAL D 29 -0.30 7.53 25.80
N ASP D 30 -0.49 8.13 24.63
CA ASP D 30 -1.80 8.50 24.14
C ASP D 30 -2.70 7.26 23.97
N ILE D 31 -2.16 6.20 23.38
CA ILE D 31 -2.90 4.95 23.20
C ILE D 31 -3.28 4.36 24.53
N ILE D 32 -2.35 4.38 25.49
CA ILE D 32 -2.62 3.88 26.82
C ILE D 32 -3.79 4.63 27.45
N LYS D 33 -3.71 5.96 27.47
CA LYS D 33 -4.75 6.80 28.07
C LYS D 33 -6.09 6.48 27.47
N ARG D 34 -6.11 6.40 26.15
CA ARG D 34 -7.35 6.19 25.42
C ARG D 34 -7.89 4.81 25.58
N ALA D 35 -7.03 3.79 25.59
CA ALA D 35 -7.46 2.43 25.84
C ALA D 35 -8.07 2.27 27.21
N LEU D 36 -7.61 3.04 28.19
CA LEU D 36 -8.19 3.02 29.53
C LEU D 36 -9.62 3.54 29.60
N SER D 37 -10.01 4.37 28.63
CA SER D 37 -11.42 4.80 28.53
C SER D 37 -12.33 3.64 28.06
N ILE D 38 -11.77 2.54 27.58
CA ILE D 38 -12.57 1.41 27.11
C ILE D 38 -12.40 0.22 28.02
N PHE D 39 -11.16 -0.05 28.39
CA PHE D 39 -10.83 -1.19 29.23
C PHE D 39 -10.50 -0.68 30.61
N ASP D 40 -11.18 -1.17 31.65
CA ASP D 40 -10.94 -0.58 32.97
C ASP D 40 -9.55 -0.97 33.51
N GLU D 41 -9.01 -2.12 33.10
CA GLU D 41 -7.69 -2.55 33.50
C GLU D 41 -6.84 -2.73 32.29
N LEU D 42 -5.66 -2.14 32.28
CA LEU D 42 -4.75 -2.27 31.17
C LEU D 42 -3.40 -2.73 31.68
N VAL D 43 -2.86 -3.77 31.03
CA VAL D 43 -1.51 -4.21 31.26
C VAL D 43 -0.68 -3.72 30.09
N VAL D 44 0.29 -2.86 30.41
CA VAL D 44 1.29 -2.47 29.44
C VAL D 44 2.41 -3.48 29.55
N LEU D 45 2.55 -4.28 28.49
CA LEU D 45 3.44 -5.42 28.53
C LEU D 45 4.68 -5.19 27.64
N VAL D 46 5.82 -5.02 28.30
CA VAL D 46 7.09 -4.91 27.60
C VAL D 46 7.49 -6.30 27.19
N THR D 47 7.44 -6.54 25.90
CA THR D 47 7.61 -7.89 25.38
C THR D 47 8.71 -7.89 24.34
N GLU D 48 9.40 -8.99 24.26
CA GLU D 48 10.58 -9.13 23.41
C GLU D 48 10.15 -9.32 21.96
N ASN D 49 10.63 -8.44 21.09
CA ASN D 49 10.44 -8.59 19.65
C ASN D 49 11.74 -9.16 19.06
N PRO D 50 11.70 -10.42 18.61
CA PRO D 50 12.91 -11.13 18.16
C PRO D 50 13.46 -10.60 16.84
N ARG D 51 12.71 -9.74 16.15
CA ARG D 51 13.17 -9.09 14.93
C ARG D 51 13.82 -7.72 15.15
N LYS D 52 13.99 -7.33 16.42
CA LYS D 52 14.64 -6.07 16.83
C LYS D 52 15.79 -6.33 17.78
N LYS D 53 16.85 -5.54 17.67
CA LYS D 53 17.87 -5.47 18.74
C LYS D 53 17.50 -4.24 19.55
N CYS D 54 17.14 -4.42 20.82
CA CYS D 54 16.61 -3.32 21.61
C CYS D 54 17.72 -2.48 22.21
N MET D 55 17.48 -1.18 22.39
CA MET D 55 18.45 -0.26 23.00
C MET D 55 18.49 -0.38 24.52
N PHE D 56 17.33 -0.56 25.12
CA PHE D 56 17.16 -0.69 26.57
C PHE D 56 16.77 -2.13 26.89
N THR D 57 17.18 -2.64 28.05
CA THR D 57 16.74 -3.95 28.48
C THR D 57 15.28 -3.92 28.83
N LEU D 58 14.67 -5.09 28.94
CA LEU D 58 13.22 -5.16 29.25
C LEU D 58 12.92 -4.49 30.59
N GLU D 59 13.83 -4.66 31.55
CA GLU D 59 13.63 -4.03 32.85
C GLU D 59 13.83 -2.53 32.84
N GLU D 60 14.82 -2.03 32.09
CA GLU D 60 14.96 -0.59 31.91
C GLU D 60 13.66 0.00 31.34
N ARG D 61 13.11 -0.70 30.37
CA ARG D 61 11.91 -0.22 29.71
C ARG D 61 10.72 -0.19 30.65
N LYS D 62 10.58 -1.24 31.44
CA LYS D 62 9.50 -1.31 32.43
C LYS D 62 9.59 -0.12 33.38
N LYS D 63 10.78 0.09 33.91
CA LYS D 63 11.02 1.16 34.88
C LYS D 63 10.66 2.52 34.29
N LEU D 64 11.08 2.78 33.06
CA LEU D 64 10.75 4.05 32.40
C LEU D 64 9.24 4.20 32.28
N ILE D 65 8.57 3.16 31.82
CA ILE D 65 7.13 3.21 31.66
C ILE D 65 6.43 3.50 32.97
N GLU D 66 6.90 2.86 34.04
CA GLU D 66 6.30 3.07 35.34
C GLU D 66 6.48 4.50 35.84
N GLU D 67 7.66 5.09 35.58
CA GLU D 67 7.91 6.49 35.89
C GLU D 67 6.93 7.34 35.13
N VAL D 68 6.80 7.05 33.83
CA VAL D 68 6.01 7.87 32.92
C VAL D 68 4.50 7.78 33.23
N LEU D 69 3.99 6.57 33.52
CA LEU D 69 2.54 6.40 33.82
C LEU D 69 2.18 6.52 35.28
N SER D 70 3.09 7.05 36.09
CA SER D 70 3.04 6.85 37.54
C SER D 70 1.72 7.22 38.20
N ASP D 71 1.06 8.24 37.69
CA ASP D 71 -0.24 8.63 38.25
C ASP D 71 -1.43 8.39 37.32
N LEU D 72 -1.38 7.29 36.56
CA LEU D 72 -2.56 6.76 35.86
C LEU D 72 -3.13 5.66 36.70
N ASP D 73 -4.43 5.73 36.95
CA ASP D 73 -5.14 4.62 37.55
C ASP D 73 -5.45 3.59 36.49
N GLY D 74 -5.56 2.34 36.94
CA GLY D 74 -5.98 1.23 36.08
C GLY D 74 -4.90 0.59 35.23
N VAL D 75 -3.68 1.11 35.27
CA VAL D 75 -2.58 0.57 34.48
C VAL D 75 -1.59 -0.20 35.31
N LYS D 76 -1.17 -1.37 34.82
CA LYS D 76 -0.09 -2.15 35.39
C LYS D 76 0.92 -2.38 34.29
N VAL D 77 2.22 -2.32 34.61
CA VAL D 77 3.31 -2.50 33.65
C VAL D 77 4.01 -3.81 33.98
N ASP D 78 4.28 -4.62 32.97
CA ASP D 78 4.89 -5.94 33.18
C ASP D 78 5.81 -6.25 32.02
N VAL D 79 6.62 -7.29 32.16
CA VAL D 79 7.46 -7.76 31.06
C VAL D 79 7.18 -9.22 30.72
N HIS D 80 7.48 -9.62 29.49
CA HIS D 80 7.28 -10.99 29.06
C HIS D 80 8.38 -11.33 28.07
N HIS D 81 9.05 -12.48 28.27
CA HIS D 81 10.13 -12.92 27.40
C HIS D 81 9.71 -13.99 26.39
N GLY D 82 8.53 -14.57 26.50
CA GLY D 82 8.14 -15.67 25.63
C GLY D 82 7.06 -15.34 24.66
N LEU D 83 6.24 -16.35 24.32
CA LEU D 83 5.16 -16.18 23.35
C LEU D 83 4.07 -15.33 23.97
N LEU D 84 3.66 -14.27 23.29
CA LEU D 84 2.72 -13.32 23.82
C LEU D 84 1.43 -13.97 24.31
N VAL D 85 0.81 -14.82 23.49
CA VAL D 85 -0.47 -15.43 23.86
C VAL D 85 -0.39 -16.29 25.09
N ASP D 86 0.81 -16.77 25.43
CA ASP D 86 1.03 -17.50 26.68
C ASP D 86 0.87 -16.64 27.92
N TYR D 87 1.33 -15.41 27.88
CA TYR D 87 1.06 -14.45 28.94
C TYR D 87 -0.45 -14.24 29.10
N LEU D 88 -1.12 -13.98 27.99
CA LEU D 88 -2.56 -13.71 28.03
C LEU D 88 -3.36 -14.90 28.58
N LYS D 89 -3.01 -16.10 28.13
CA LYS D 89 -3.71 -17.32 28.55
C LYS D 89 -3.52 -17.53 30.03
N LYS D 90 -2.26 -17.39 30.46
CA LYS D 90 -1.91 -17.52 31.87
C LYS D 90 -2.71 -16.59 32.75
N HIS D 91 -2.96 -15.36 32.33
CA HIS D 91 -3.62 -14.37 33.19
C HIS D 91 -5.10 -14.17 32.85
N GLY D 92 -5.62 -15.03 31.98
CA GLY D 92 -7.03 -14.98 31.59
C GLY D 92 -7.42 -13.72 30.82
N ILE D 93 -6.50 -13.14 30.07
CA ILE D 93 -6.76 -11.90 29.34
C ILE D 93 -7.06 -12.31 27.92
N LYS D 94 -8.12 -11.77 27.35
CA LYS D 94 -8.59 -12.14 26.02
C LYS D 94 -8.58 -10.99 25.05
N VAL D 95 -8.03 -9.84 25.43
CA VAL D 95 -7.96 -8.68 24.56
C VAL D 95 -6.57 -8.07 24.52
N LEU D 96 -6.14 -7.83 23.29
CA LEU D 96 -4.86 -7.23 23.01
C LEU D 96 -5.18 -5.89 22.30
N VAL D 97 -4.53 -4.83 22.72
CA VAL D 97 -4.74 -3.54 22.08
C VAL D 97 -3.47 -3.15 21.39
N ARG D 98 -3.58 -2.66 20.18
CA ARG D 98 -2.45 -2.16 19.43
C ARG D 98 -2.85 -0.83 18.78
N GLY D 99 -1.87 0.01 18.46
CA GLY D 99 -2.15 1.29 17.77
C GLY D 99 -1.85 1.20 16.29
N LEU D 100 -2.57 1.97 15.48
CA LEU D 100 -2.40 2.05 14.05
C LEU D 100 -2.01 3.47 13.64
N ARG D 101 -0.86 3.56 12.98
CA ARG D 101 -0.31 4.81 12.52
C ARG D 101 -0.21 4.80 11.00
N ALA D 102 -0.08 5.97 10.40
CA ALA D 102 0.18 6.07 8.96
C ALA D 102 1.46 5.27 8.57
N VAL D 103 2.41 5.17 9.48
CA VAL D 103 3.66 4.45 9.19
C VAL D 103 3.67 3.01 9.69
N THR D 104 2.52 2.53 10.17
CA THR D 104 2.39 1.13 10.56
C THR D 104 2.46 0.23 9.32
N ASP D 105 3.17 -0.87 9.46
CA ASP D 105 3.12 -1.99 8.55
C ASP D 105 1.82 -2.78 8.81
N TYR D 106 0.81 -2.46 8.05
CA TYR D 106 -0.55 -2.95 8.26
C TYR D 106 -0.63 -4.49 8.13
N GLU D 107 0.11 -5.06 7.19
CA GLU D 107 0.10 -6.48 6.91
C GLU D 107 0.81 -7.27 8.02
N TYR D 108 1.81 -6.65 8.61
CA TYR D 108 2.48 -7.21 9.76
C TYR D 108 1.57 -7.26 10.99
N GLU D 109 0.83 -6.18 11.23
CA GLU D 109 -0.17 -6.17 12.28
C GLU D 109 -1.28 -7.21 12.03
N LEU D 110 -1.78 -7.31 10.79
CA LEU D 110 -2.81 -8.28 10.47
C LEU D 110 -2.29 -9.67 10.66
N GLN D 111 -1.10 -9.94 10.13
CA GLN D 111 -0.50 -11.26 10.21
C GLN D 111 -0.46 -11.74 11.65
N MET D 112 0.02 -10.87 12.52
CA MET D 112 0.26 -11.14 13.90
C MET D 112 -1.03 -11.30 14.68
N ALA D 113 -2.02 -10.44 14.42
CA ALA D 113 -3.36 -10.59 14.96
C ALA D 113 -3.96 -11.95 14.59
N LEU D 114 -3.89 -12.30 13.32
CA LEU D 114 -4.44 -13.57 12.82
C LEU D 114 -3.70 -14.78 13.38
N ALA D 115 -2.38 -14.66 13.49
CA ALA D 115 -1.55 -15.72 14.03
C ALA D 115 -1.86 -15.93 15.52
N ASN D 116 -1.95 -14.84 16.26
CA ASN D 116 -2.28 -14.84 17.66
C ASN D 116 -3.67 -15.42 17.97
N LYS D 117 -4.64 -15.12 17.11
CA LYS D 117 -5.99 -15.65 17.20
C LYS D 117 -5.98 -17.14 16.83
N LYS D 118 -5.05 -17.53 15.95
CA LYS D 118 -4.92 -18.96 15.65
C LYS D 118 -4.37 -19.75 16.86
N LEU D 119 -3.40 -19.16 17.55
CA LEU D 119 -2.76 -19.76 18.72
C LEU D 119 -3.59 -19.65 19.99
N TYR D 120 -4.55 -18.72 20.03
CA TYR D 120 -5.39 -18.47 21.19
C TYR D 120 -6.74 -18.01 20.63
N SER D 121 -7.64 -18.96 20.44
CA SER D 121 -8.88 -18.74 19.69
C SER D 121 -9.83 -17.75 20.33
N ASP D 122 -9.79 -17.59 21.64
CA ASP D 122 -10.67 -16.62 22.32
C ASP D 122 -10.18 -15.15 22.25
N LEU D 123 -8.98 -14.96 21.72
CA LEU D 123 -8.33 -13.63 21.72
C LEU D 123 -9.01 -12.73 20.73
N GLU D 124 -9.08 -11.47 21.08
CA GLU D 124 -9.44 -10.44 20.12
C GLU D 124 -8.34 -9.39 20.20
N THR D 125 -7.76 -9.03 19.07
CA THR D 125 -6.81 -7.91 18.96
C THR D 125 -7.66 -6.76 18.43
N VAL D 126 -7.60 -5.66 19.18
CA VAL D 126 -8.38 -4.45 18.94
C VAL D 126 -7.38 -3.34 18.63
N PHE D 127 -7.67 -2.57 17.61
CA PHE D 127 -6.79 -1.52 17.18
C PHE D 127 -7.41 -0.19 17.42
N LEU D 128 -6.66 0.71 18.02
CA LEU D 128 -6.96 2.15 18.04
C LEU D 128 -6.12 2.93 17.00
N ILE D 129 -6.66 4.04 16.52
CA ILE D 129 -5.95 4.89 15.58
C ILE D 129 -5.09 5.91 16.33
N ALA D 130 -3.82 6.02 15.98
CA ALA D 130 -3.00 7.13 16.47
C ALA D 130 -3.54 8.46 15.97
N SER D 131 -3.52 9.46 16.83
CA SER D 131 -3.81 10.81 16.43
C SER D 131 -2.80 11.28 15.37
N GLU D 132 -3.21 12.25 14.57
CA GLU D 132 -2.45 12.80 13.47
C GLU D 132 -1.05 13.13 13.93
N LYS D 133 -0.94 13.72 15.13
CA LYS D 133 0.33 14.23 15.59
C LYS D 133 1.31 13.13 15.91
N PHE D 134 0.83 11.94 16.23
CA PHE D 134 1.70 10.81 16.54
C PHE D 134 1.71 9.71 15.47
N SER D 135 1.06 9.97 14.34
CA SER D 135 0.84 8.97 13.33
C SER D 135 2.09 8.67 12.51
N PHE D 136 3.10 9.53 12.58
CA PHE D 136 4.33 9.40 11.81
C PHE D 136 5.57 9.30 12.67
N ILE D 137 5.37 9.05 13.96
CA ILE D 137 6.48 8.79 14.85
C ILE D 137 6.54 7.30 15.30
N SER D 138 7.73 6.92 15.74
CA SER D 138 8.02 5.59 16.15
C SER D 138 9.16 5.71 17.10
N SER D 139 9.38 4.69 17.93
CA SER D 139 10.56 4.57 18.79
C SER D 139 11.84 4.60 17.96
N SER D 140 11.79 4.00 16.80
CA SER D 140 12.91 3.92 15.89
C SER D 140 13.36 5.30 15.43
N LEU D 141 12.39 6.14 15.06
CA LEU D 141 12.68 7.48 14.63
C LEU D 141 13.30 8.24 15.75
N VAL D 142 12.68 8.12 16.93
CA VAL D 142 13.15 8.79 18.16
C VAL D 142 14.62 8.44 18.45
N LYS D 143 14.94 7.16 18.45
CA LYS D 143 16.29 6.65 18.71
C LYS D 143 17.31 7.13 17.69
N GLU D 144 16.94 7.10 16.41
CA GLU D 144 17.83 7.61 15.34
C GLU D 144 18.16 9.09 15.51
N VAL D 145 17.15 9.88 15.83
CA VAL D 145 17.32 11.31 16.00
C VAL D 145 18.15 11.61 17.23
N ALA D 146 17.79 10.98 18.35
CA ALA D 146 18.50 11.17 19.61
C ALA D 146 19.97 10.80 19.45
N LEU D 147 20.21 9.68 18.80
CA LEU D 147 21.59 9.18 18.56
C LEU D 147 22.48 10.16 17.86
N TYR D 148 21.91 10.98 16.99
CA TYR D 148 22.64 12.03 16.31
C TYR D 148 22.46 13.37 17.02
N GLY D 149 21.92 13.36 18.23
CA GLY D 149 21.87 14.56 19.09
C GLY D 149 20.77 15.55 18.76
N GLY D 150 19.76 15.08 18.05
CA GLY D 150 18.60 15.88 17.76
C GLY D 150 17.63 15.93 18.91
N ASP D 151 16.82 16.97 18.93
CA ASP D 151 15.82 17.13 20.01
C ASP D 151 14.64 16.21 19.75
N VAL D 152 14.38 15.29 20.68
CA VAL D 152 13.23 14.40 20.61
C VAL D 152 12.17 14.73 21.66
N THR D 153 12.28 15.94 22.21
CA THR D 153 11.41 16.47 23.27
C THR D 153 9.92 16.46 23.01
N GLU D 154 9.54 16.68 21.76
CA GLU D 154 8.13 16.70 21.36
C GLU D 154 7.55 15.31 21.14
N TRP D 155 8.41 14.28 21.16
CA TRP D 155 7.97 12.93 20.81
C TRP D 155 7.96 11.93 21.98
N VAL D 156 8.67 12.28 23.06
CA VAL D 156 8.83 11.37 24.18
C VAL D 156 8.60 12.17 25.43
N PRO D 157 8.21 11.49 26.51
CA PRO D 157 8.18 12.09 27.84
C PRO D 157 9.58 12.51 28.31
N PRO D 158 9.68 13.49 29.18
CA PRO D 158 10.98 14.00 29.62
C PRO D 158 11.87 12.91 30.25
N GLU D 159 11.26 11.99 30.98
CA GLU D 159 11.95 10.83 31.55
C GLU D 159 12.71 10.07 30.46
N VAL D 160 12.05 9.92 29.32
CA VAL D 160 12.60 9.18 28.19
C VAL D 160 13.69 9.97 27.47
N ALA D 161 13.48 11.27 27.29
CA ALA D 161 14.51 12.10 26.69
C ALA D 161 15.79 12.04 27.53
N ARG D 162 15.63 12.12 28.85
CA ARG D 162 16.73 11.97 29.79
C ARG D 162 17.41 10.61 29.64
N ALA D 163 16.64 9.52 29.67
CA ALA D 163 17.19 8.17 29.53
C ALA D 163 17.93 7.99 28.21
N LEU D 164 17.38 8.57 27.14
CA LEU D 164 18.03 8.50 25.83
C LEU D 164 19.33 9.25 25.79
N ASN D 165 19.35 10.43 26.39
CA ASN D 165 20.58 11.20 26.51
C ASN D 165 21.68 10.41 27.23
N GLU D 166 21.35 9.83 28.38
CA GLU D 166 22.32 9.04 29.14
C GLU D 166 22.86 7.89 28.31
N LYS D 167 21.96 7.09 27.76
CA LYS D 167 22.33 5.96 26.91
C LYS D 167 23.29 6.37 25.77
N LEU D 168 23.06 7.54 25.17
CA LEU D 168 23.95 8.09 24.09
C LEU D 168 25.31 8.57 24.60
N LYS D 169 25.51 8.63 25.91
CA LYS D 169 26.85 8.91 26.43
C LYS D 169 27.51 7.58 26.81
N GLU D 170 26.79 6.75 27.56
CA GLU D 170 27.32 5.47 28.05
C GLU D 170 28.40 4.82 27.16
N MET E 13 -20.80 -2.32 28.21
CA MET E 13 -20.51 -1.08 27.44
C MET E 13 -21.07 -1.19 26.05
N LYS E 14 -21.58 -0.07 25.55
CA LYS E 14 -22.28 -0.01 24.29
C LYS E 14 -21.31 0.40 23.18
N ALA E 15 -21.53 -0.17 22.01
CA ALA E 15 -20.78 0.21 20.81
C ALA E 15 -21.73 0.23 19.65
N VAL E 16 -21.38 1.04 18.66
CA VAL E 16 -22.06 1.01 17.39
C VAL E 16 -21.16 0.36 16.33
N TYR E 17 -21.73 -0.52 15.52
CA TYR E 17 -21.09 -1.04 14.31
C TYR E 17 -21.84 -0.44 13.16
N PRO E 18 -21.30 0.63 12.58
CA PRO E 18 -21.98 1.29 11.49
C PRO E 18 -21.55 0.71 10.14
N GLY E 19 -22.46 0.74 9.18
CA GLY E 19 -22.09 0.32 7.83
C GLY E 19 -23.23 0.39 6.88
N SER E 20 -22.90 0.29 5.60
CA SER E 20 -23.92 0.25 4.56
C SER E 20 -24.71 -1.06 4.65
N PHE E 21 -24.04 -2.18 5.01
CA PHE E 21 -24.67 -3.51 5.05
C PHE E 21 -25.59 -3.70 3.84
N ASP E 22 -24.99 -3.59 2.65
CA ASP E 22 -25.75 -3.55 1.41
C ASP E 22 -25.28 -4.62 0.43
N PRO E 23 -25.53 -5.89 0.70
CA PRO E 23 -26.21 -6.38 1.89
C PRO E 23 -25.23 -6.86 2.96
N ILE E 24 -25.75 -7.24 4.12
CA ILE E 24 -24.92 -7.83 5.15
C ILE E 24 -24.41 -9.20 4.65
N THR E 25 -23.13 -9.47 4.93
CA THR E 25 -22.45 -10.72 4.58
C THR E 25 -22.07 -11.46 5.84
N LEU E 26 -21.55 -12.68 5.65
CA LEU E 26 -21.15 -13.51 6.76
C LEU E 26 -19.93 -12.92 7.48
N GLY E 27 -19.14 -12.11 6.76
CA GLY E 27 -18.04 -11.37 7.32
C GLY E 27 -18.50 -10.34 8.31
N HIS E 28 -19.57 -9.62 7.96
CA HIS E 28 -20.16 -8.70 8.93
C HIS E 28 -20.73 -9.44 10.14
N VAL E 29 -21.37 -10.56 9.90
CA VAL E 29 -21.96 -11.32 11.00
C VAL E 29 -20.87 -11.79 11.97
N ASP E 30 -19.72 -12.17 11.44
CA ASP E 30 -18.59 -12.59 12.23
C ASP E 30 -18.04 -11.47 13.11
N ILE E 31 -17.98 -10.27 12.55
CA ILE E 31 -17.54 -9.09 13.32
C ILE E 31 -18.56 -8.78 14.43
N ILE E 32 -19.84 -8.84 14.11
CA ILE E 32 -20.90 -8.63 15.10
C ILE E 32 -20.79 -9.61 16.30
N LYS E 33 -20.70 -10.90 16.02
CA LYS E 33 -20.59 -11.93 17.04
C LYS E 33 -19.38 -11.70 17.91
N ARG E 34 -18.26 -11.38 17.27
CA ARG E 34 -17.01 -11.17 17.98
C ARG E 34 -16.98 -9.86 18.78
N ALA E 35 -17.57 -8.79 18.22
CA ALA E 35 -17.67 -7.53 18.93
C ALA E 35 -18.53 -7.68 20.20
N LEU E 36 -19.54 -8.53 20.14
CA LEU E 36 -20.39 -8.85 21.28
C LEU E 36 -19.62 -9.51 22.43
N SER E 37 -18.50 -10.17 22.16
CA SER E 37 -17.66 -10.71 23.24
C SER E 37 -16.87 -9.63 23.99
N ILE E 38 -16.89 -8.42 23.48
CA ILE E 38 -16.19 -7.28 24.12
C ILE E 38 -17.17 -6.25 24.65
N PHE E 39 -18.17 -5.95 23.84
CA PHE E 39 -19.17 -4.94 24.15
C PHE E 39 -20.47 -5.65 24.49
N ASP E 40 -21.01 -5.41 25.67
CA ASP E 40 -22.20 -6.16 26.04
C ASP E 40 -23.41 -5.74 25.19
N GLU E 41 -23.46 -4.49 24.73
CA GLU E 41 -24.52 -4.02 23.84
C GLU E 41 -23.92 -3.51 22.55
N LEU E 42 -24.46 -4.00 21.42
CA LEU E 42 -24.02 -3.58 20.11
C LEU E 42 -25.21 -3.03 19.34
N VAL E 43 -25.04 -1.85 18.77
CA VAL E 43 -26.00 -1.37 17.81
C VAL E 43 -25.39 -1.55 16.43
N VAL E 44 -26.09 -2.32 15.60
CA VAL E 44 -25.72 -2.46 14.21
C VAL E 44 -26.45 -1.34 13.52
N LEU E 45 -25.70 -0.39 12.98
CA LEU E 45 -26.30 0.81 12.45
C LEU E 45 -26.17 0.89 10.95
N VAL E 46 -27.31 0.72 10.27
CA VAL E 46 -27.39 0.89 8.84
C VAL E 46 -27.36 2.38 8.58
N THR E 47 -26.28 2.81 7.98
CA THR E 47 -25.98 4.22 7.81
C THR E 47 -25.75 4.53 6.35
N GLU E 48 -26.18 5.70 5.91
CA GLU E 48 -26.02 6.16 4.53
C GLU E 48 -24.54 6.46 4.18
N ASN E 49 -24.03 5.80 3.14
CA ASN E 49 -22.73 6.14 2.58
C ASN E 49 -22.99 6.98 1.34
N PRO E 50 -22.69 8.28 1.38
CA PRO E 50 -23.01 9.16 0.28
C PRO E 50 -22.14 8.91 -0.95
N ARG E 51 -21.08 8.11 -0.80
CA ARG E 51 -20.20 7.74 -1.93
C ARG E 51 -20.61 6.42 -2.60
N LYS E 52 -21.75 5.88 -2.19
CA LYS E 52 -22.29 4.65 -2.76
C LYS E 52 -23.72 4.87 -3.21
N LYS E 53 -24.12 4.20 -4.30
CA LYS E 53 -25.56 4.04 -4.63
C LYS E 53 -25.92 2.63 -4.17
N CYS E 54 -26.82 2.56 -3.20
CA CYS E 54 -27.14 1.31 -2.58
C CYS E 54 -28.09 0.50 -3.45
N MET E 55 -28.04 -0.82 -3.30
CA MET E 55 -28.96 -1.72 -3.97
C MET E 55 -30.28 -1.84 -3.21
N PHE E 56 -30.18 -1.90 -1.89
CA PHE E 56 -31.32 -2.06 -0.98
C PHE E 56 -31.53 -0.75 -0.24
N THR E 57 -32.80 -0.39 0.06
CA THR E 57 -33.05 0.77 0.91
C THR E 57 -32.52 0.51 2.31
N LEU E 58 -32.42 1.57 3.08
CA LEU E 58 -31.97 1.47 4.47
C LEU E 58 -32.88 0.52 5.25
N GLU E 59 -34.18 0.64 5.02
CA GLU E 59 -35.15 -0.21 5.70
C GLU E 59 -35.12 -1.66 5.25
N GLU E 60 -34.97 -1.91 3.95
CA GLU E 60 -34.74 -3.28 3.46
C GLU E 60 -33.52 -3.89 4.15
N ARG E 61 -32.48 -3.08 4.29
CA ARG E 61 -31.26 -3.57 4.91
C ARG E 61 -31.41 -3.85 6.41
N LYS E 62 -32.11 -2.95 7.11
CA LYS E 62 -32.43 -3.13 8.53
C LYS E 62 -33.20 -4.44 8.75
N LYS E 63 -34.23 -4.68 7.94
CA LYS E 63 -35.04 -5.89 8.05
C LYS E 63 -34.26 -7.18 7.75
N LEU E 64 -33.40 -7.14 6.75
CA LEU E 64 -32.51 -8.27 6.48
C LEU E 64 -31.67 -8.61 7.70
N ILE E 65 -30.99 -7.61 8.23
CA ILE E 65 -30.11 -7.78 9.38
C ILE E 65 -30.85 -8.32 10.60
N GLU E 66 -32.04 -7.81 10.84
CA GLU E 66 -32.87 -8.32 11.91
C GLU E 66 -33.22 -9.80 11.73
N GLU E 67 -33.58 -10.23 10.52
CA GLU E 67 -33.84 -11.63 10.25
C GLU E 67 -32.58 -12.42 10.54
N VAL E 68 -31.46 -11.94 10.03
CA VAL E 68 -30.19 -12.67 10.14
C VAL E 68 -29.67 -12.79 11.58
N LEU E 69 -29.78 -11.71 12.36
CA LEU E 69 -29.28 -11.70 13.73
C LEU E 69 -30.31 -12.11 14.76
N SER E 70 -31.42 -12.69 14.32
CA SER E 70 -32.66 -12.73 15.12
C SER E 70 -32.48 -13.35 16.50
N ASP E 71 -31.63 -14.36 16.61
CA ASP E 71 -31.39 -15.02 17.87
C ASP E 71 -30.02 -14.73 18.51
N LEU E 72 -29.53 -13.51 18.35
CA LEU E 72 -28.34 -13.06 19.05
C LEU E 72 -28.78 -12.10 20.13
N ASP E 73 -28.35 -12.36 21.36
CA ASP E 73 -28.65 -11.46 22.46
C ASP E 73 -27.66 -10.32 22.39
N GLY E 74 -28.06 -9.18 22.93
CA GLY E 74 -27.19 -8.03 23.06
C GLY E 74 -27.09 -7.12 21.84
N VAL E 75 -27.70 -7.49 20.71
CA VAL E 75 -27.62 -6.72 19.49
C VAL E 75 -28.96 -6.04 19.13
N LYS E 76 -28.89 -4.76 18.77
CA LYS E 76 -30.03 -4.01 18.28
C LYS E 76 -29.65 -3.52 16.88
N VAL E 77 -30.64 -3.41 16.01
CA VAL E 77 -30.40 -2.94 14.65
C VAL E 77 -31.12 -1.63 14.47
N ASP E 78 -30.47 -0.65 13.85
CA ASP E 78 -31.08 0.67 13.65
C ASP E 78 -30.65 1.29 12.33
N VAL E 79 -31.28 2.39 11.92
CA VAL E 79 -30.88 3.10 10.72
C VAL E 79 -30.58 4.57 11.05
N HIS E 80 -29.72 5.20 10.28
CA HIS E 80 -29.38 6.60 10.47
C HIS E 80 -29.01 7.23 9.11
N HIS E 81 -29.61 8.39 8.86
CA HIS E 81 -29.54 9.12 7.59
C HIS E 81 -28.57 10.28 7.63
N GLY E 82 -28.16 10.71 8.82
CA GLY E 82 -27.29 11.86 8.95
C GLY E 82 -25.82 11.57 9.27
N LEU E 83 -25.21 12.55 9.93
CA LEU E 83 -23.84 12.46 10.42
C LEU E 83 -23.75 11.39 11.46
N LEU E 84 -22.84 10.43 11.24
CA LEU E 84 -22.72 9.28 12.14
C LEU E 84 -22.49 9.69 13.58
N VAL E 85 -21.60 10.63 13.84
CA VAL E 85 -21.32 10.97 15.23
C VAL E 85 -22.53 11.54 15.94
N ASP E 86 -23.46 12.15 15.19
CA ASP E 86 -24.69 12.66 15.80
C ASP E 86 -25.55 11.56 16.39
N TYR E 87 -25.56 10.40 15.71
CA TYR E 87 -26.26 9.25 16.25
C TYR E 87 -25.64 8.83 17.55
N LEU E 88 -24.33 8.73 17.59
CA LEU E 88 -23.63 8.33 18.81
C LEU E 88 -23.81 9.33 19.95
N LYS E 89 -23.76 10.64 19.65
CA LYS E 89 -23.85 11.70 20.66
C LYS E 89 -25.23 11.67 21.29
N LYS E 90 -26.24 11.57 20.42
CA LYS E 90 -27.63 11.46 20.81
C LYS E 90 -27.90 10.30 21.75
N HIS E 91 -27.24 9.17 21.51
CA HIS E 91 -27.47 7.97 22.30
C HIS E 91 -26.42 7.72 23.39
N GLY E 92 -25.49 8.66 23.58
CA GLY E 92 -24.49 8.52 24.61
C GLY E 92 -23.51 7.39 24.34
N ILE E 93 -23.28 7.06 23.07
CA ILE E 93 -22.38 5.95 22.73
C ILE E 93 -21.06 6.56 22.34
N LYS E 94 -19.96 6.02 22.83
CA LYS E 94 -18.65 6.62 22.53
C LYS E 94 -17.67 5.66 21.90
N VAL E 95 -18.17 4.50 21.46
CA VAL E 95 -17.36 3.51 20.78
C VAL E 95 -18.01 3.10 19.48
N LEU E 96 -17.16 3.11 18.44
CA LEU E 96 -17.51 2.70 17.09
C LEU E 96 -16.63 1.47 16.81
N VAL E 97 -17.21 0.42 16.26
CA VAL E 97 -16.44 -0.74 15.86
C VAL E 97 -16.48 -0.84 14.38
N ARG E 98 -15.33 -1.16 13.78
CA ARG E 98 -15.21 -1.41 12.36
C ARG E 98 -14.31 -2.64 12.16
N GLY E 99 -14.45 -3.26 10.98
CA GLY E 99 -13.68 -4.46 10.62
C GLY E 99 -12.60 -4.07 9.65
N LEU E 100 -11.46 -4.73 9.77
CA LEU E 100 -10.31 -4.57 8.87
C LEU E 100 -10.08 -5.86 8.08
N ARG E 101 -10.16 -5.75 6.76
CA ARG E 101 -9.89 -6.85 5.82
C ARG E 101 -8.63 -6.58 5.03
N ALA E 102 -8.09 -7.61 4.39
CA ALA E 102 -7.00 -7.43 3.43
C ALA E 102 -7.38 -6.42 2.33
N VAL E 103 -8.64 -6.39 1.98
CA VAL E 103 -9.17 -5.53 0.91
C VAL E 103 -9.75 -4.21 1.38
N THR E 104 -9.60 -3.93 2.68
CA THR E 104 -9.96 -2.66 3.27
C THR E 104 -9.03 -1.53 2.77
N ASP E 105 -9.63 -0.41 2.39
CA ASP E 105 -8.89 0.86 2.17
C ASP E 105 -8.56 1.45 3.56
N TYR E 106 -7.34 1.20 3.97
CA TYR E 106 -6.85 1.52 5.31
C TYR E 106 -6.85 3.02 5.58
N GLU E 107 -6.46 3.76 4.54
CA GLU E 107 -6.33 5.21 4.63
C GLU E 107 -7.68 5.84 4.80
N TYR E 108 -8.66 5.26 4.13
CA TYR E 108 -10.03 5.71 4.23
C TYR E 108 -10.63 5.50 5.65
N GLU E 109 -10.36 4.33 6.23
CA GLU E 109 -10.75 4.02 7.59
C GLU E 109 -10.08 4.94 8.59
N LEU E 110 -8.79 5.19 8.39
CA LEU E 110 -8.02 6.12 9.23
C LEU E 110 -8.59 7.52 9.13
N GLN E 111 -8.80 7.97 7.89
CA GLN E 111 -9.29 9.30 7.65
C GLN E 111 -10.60 9.56 8.40
N MET E 112 -11.49 8.60 8.29
CA MET E 112 -12.81 8.69 8.86
C MET E 112 -12.76 8.56 10.39
N ALA E 113 -11.92 7.67 10.93
CA ALA E 113 -11.73 7.55 12.38
C ALA E 113 -11.26 8.85 12.99
N LEU E 114 -10.28 9.46 12.33
CA LEU E 114 -9.70 10.71 12.76
C LEU E 114 -10.67 11.84 12.60
N ALA E 115 -11.42 11.85 11.51
CA ALA E 115 -12.44 12.90 11.33
C ALA E 115 -13.55 12.79 12.35
N ASN E 116 -14.01 11.56 12.59
CA ASN E 116 -15.03 11.31 13.58
C ASN E 116 -14.60 11.73 14.98
N LYS E 117 -13.33 11.51 15.29
CA LYS E 117 -12.80 11.88 16.60
C LYS E 117 -12.63 13.38 16.69
N LYS E 118 -12.39 14.04 15.56
CA LYS E 118 -12.36 15.50 15.57
C LYS E 118 -13.76 16.06 15.87
N LEU E 119 -14.77 15.47 15.27
CA LEU E 119 -16.16 15.91 15.42
C LEU E 119 -16.76 15.52 16.75
N TYR E 120 -16.19 14.50 17.39
CA TYR E 120 -16.73 13.93 18.61
C TYR E 120 -15.55 13.40 19.41
N SER E 121 -15.01 14.29 20.26
CA SER E 121 -13.72 14.09 20.88
C SER E 121 -13.67 12.91 21.88
N ASP E 122 -14.80 12.56 22.49
CA ASP E 122 -14.93 11.36 23.34
C ASP E 122 -14.90 10.02 22.59
N LEU E 123 -14.98 10.07 21.28
CA LEU E 123 -15.17 8.85 20.48
C LEU E 123 -13.91 8.01 20.41
N GLU E 124 -14.05 6.69 20.46
CA GLU E 124 -12.97 5.81 20.04
C GLU E 124 -13.53 4.90 18.95
N THR E 125 -12.83 4.83 17.84
CA THR E 125 -13.10 3.83 16.83
C THR E 125 -12.13 2.70 17.08
N VAL E 126 -12.68 1.52 17.18
CA VAL E 126 -11.99 0.31 17.56
C VAL E 126 -12.12 -0.64 16.37
N PHE E 127 -11.01 -1.22 15.95
CA PHE E 127 -11.00 -2.12 14.78
C PHE E 127 -10.74 -3.55 15.17
N LEU E 128 -11.61 -4.45 14.68
CA LEU E 128 -11.34 -5.91 14.71
C LEU E 128 -10.82 -6.38 13.36
N ILE E 129 -10.05 -7.45 13.35
CA ILE E 129 -9.50 -8.02 12.14
C ILE E 129 -10.45 -9.10 11.61
N ALA E 130 -10.82 -9.00 10.33
CA ALA E 130 -11.57 -10.05 9.68
C ALA E 130 -10.74 -11.33 9.67
N SER E 131 -11.41 -12.45 9.92
CA SER E 131 -10.74 -13.75 9.77
C SER E 131 -10.34 -13.89 8.30
N GLU E 132 -9.35 -14.73 8.07
CA GLU E 132 -8.77 -15.00 6.74
C GLU E 132 -9.83 -15.31 5.71
N LYS E 133 -10.84 -16.08 6.14
CA LYS E 133 -11.87 -16.55 5.24
C LYS E 133 -12.78 -15.45 4.75
N PHE E 134 -12.87 -14.37 5.53
CA PHE E 134 -13.69 -13.20 5.19
C PHE E 134 -12.90 -11.94 4.79
N SER E 135 -11.58 -12.07 4.73
CA SER E 135 -10.69 -10.91 4.59
C SER E 135 -10.66 -10.37 3.16
N PHE E 136 -11.21 -11.11 2.19
CA PHE E 136 -11.16 -10.73 0.78
C PHE E 136 -12.57 -10.69 0.21
N ILE E 137 -13.60 -10.66 1.05
CA ILE E 137 -14.96 -10.49 0.56
C ILE E 137 -15.50 -9.11 0.95
N SER E 138 -16.58 -8.70 0.29
CA SER E 138 -17.23 -7.42 0.48
C SER E 138 -18.64 -7.53 -0.08
N SER E 139 -19.52 -6.63 0.34
CA SER E 139 -20.85 -6.55 -0.20
C SER E 139 -20.85 -6.30 -1.70
N SER E 140 -19.89 -5.49 -2.16
CA SER E 140 -19.75 -5.23 -3.59
C SER E 140 -19.49 -6.46 -4.40
N LEU E 141 -18.55 -7.27 -3.91
CA LEU E 141 -18.21 -8.52 -4.56
C LEU E 141 -19.44 -9.40 -4.70
N VAL E 142 -20.13 -9.54 -3.59
CA VAL E 142 -21.32 -10.35 -3.48
C VAL E 142 -22.36 -9.92 -4.51
N LYS E 143 -22.59 -8.60 -4.59
CA LYS E 143 -23.58 -8.04 -5.49
C LYS E 143 -23.21 -8.30 -6.95
N GLU E 144 -21.95 -8.07 -7.25
CA GLU E 144 -21.47 -8.26 -8.60
C GLU E 144 -21.64 -9.71 -9.05
N VAL E 145 -21.27 -10.64 -8.20
CA VAL E 145 -21.39 -12.07 -8.51
C VAL E 145 -22.88 -12.52 -8.60
N ALA E 146 -23.70 -12.08 -7.63
CA ALA E 146 -25.13 -12.39 -7.62
C ALA E 146 -25.81 -11.84 -8.89
N LEU E 147 -25.42 -10.63 -9.26
CA LEU E 147 -25.92 -9.98 -10.47
C LEU E 147 -25.74 -10.78 -11.73
N TYR E 148 -24.62 -11.47 -11.82
CA TYR E 148 -24.31 -12.32 -12.96
C TYR E 148 -24.79 -13.73 -12.71
N GLY E 149 -25.59 -13.94 -11.67
CA GLY E 149 -26.13 -15.25 -11.37
C GLY E 149 -25.18 -16.26 -10.77
N GLY E 150 -24.06 -15.82 -10.21
CA GLY E 150 -23.15 -16.71 -9.53
C GLY E 150 -23.62 -17.04 -8.12
N ASP E 151 -23.10 -18.12 -7.59
CA ASP E 151 -23.46 -18.60 -6.25
C ASP E 151 -22.73 -17.78 -5.20
N VAL E 152 -23.45 -17.01 -4.38
CA VAL E 152 -22.87 -16.25 -3.25
C VAL E 152 -23.17 -16.90 -1.89
N THR E 153 -23.57 -18.17 -1.92
CA THR E 153 -24.00 -18.91 -0.70
C THR E 153 -22.98 -18.96 0.41
N GLU E 154 -21.71 -19.01 0.05
CA GLU E 154 -20.65 -19.16 1.02
C GLU E 154 -20.28 -17.81 1.66
N TRP E 155 -20.84 -16.71 1.14
CA TRP E 155 -20.43 -15.39 1.57
C TRP E 155 -21.53 -14.65 2.28
N VAL E 156 -22.79 -15.08 2.13
CA VAL E 156 -23.91 -14.37 2.75
C VAL E 156 -24.85 -15.37 3.41
N PRO E 157 -25.63 -14.90 4.38
CA PRO E 157 -26.67 -15.72 4.99
C PRO E 157 -27.76 -16.05 3.97
N PRO E 158 -28.43 -17.19 4.14
CA PRO E 158 -29.39 -17.62 3.17
C PRO E 158 -30.52 -16.58 2.93
N GLU E 159 -30.91 -15.86 3.99
CA GLU E 159 -31.86 -14.78 3.87
C GLU E 159 -31.40 -13.73 2.84
N VAL E 160 -30.09 -13.47 2.83
CA VAL E 160 -29.51 -12.46 1.95
C VAL E 160 -29.37 -12.99 0.53
N ALA E 161 -28.96 -14.25 0.38
CA ALA E 161 -28.97 -14.90 -0.94
C ALA E 161 -30.33 -14.76 -1.57
N ARG E 162 -31.36 -15.09 -0.82
CA ARG E 162 -32.72 -14.98 -1.31
C ARG E 162 -33.02 -13.53 -1.75
N ALA E 163 -32.75 -12.58 -0.85
CA ALA E 163 -33.03 -11.18 -1.11
C ALA E 163 -32.34 -10.69 -2.35
N LEU E 164 -31.08 -11.10 -2.52
CA LEU E 164 -30.33 -10.76 -3.71
C LEU E 164 -30.93 -11.38 -4.98
N ASN E 165 -31.33 -12.65 -4.89
CA ASN E 165 -31.94 -13.30 -6.02
C ASN E 165 -33.22 -12.56 -6.44
N GLU E 166 -34.05 -12.20 -5.47
CA GLU E 166 -35.28 -11.44 -5.78
C GLU E 166 -34.94 -10.15 -6.49
N LYS E 167 -34.05 -9.38 -5.88
CA LYS E 167 -33.62 -8.10 -6.40
C LYS E 167 -33.16 -8.21 -7.85
N LEU E 168 -32.45 -9.29 -8.17
CA LEU E 168 -31.96 -9.54 -9.55
C LEU E 168 -33.05 -9.91 -10.55
N LYS E 169 -34.27 -10.18 -10.07
CA LYS E 169 -35.38 -10.42 -10.98
C LYS E 169 -36.21 -9.15 -11.01
N MET F 13 18.87 29.33 -6.06
CA MET F 13 18.49 28.69 -4.76
C MET F 13 19.12 27.30 -4.60
N LYS F 14 19.58 27.04 -3.38
CA LYS F 14 20.34 25.84 -3.07
C LYS F 14 19.40 24.74 -2.54
N ALA F 15 19.73 23.50 -2.90
CA ALA F 15 19.11 22.33 -2.31
C ALA F 15 20.17 21.28 -2.05
N VAL F 16 19.86 20.40 -1.12
CA VAL F 16 20.67 19.23 -0.85
C VAL F 16 19.90 18.02 -1.32
N TYR F 17 20.60 17.12 -2.02
CA TYR F 17 20.07 15.83 -2.38
C TYR F 17 20.82 14.78 -1.57
N PRO F 18 20.20 14.36 -0.47
CA PRO F 18 20.86 13.49 0.48
C PRO F 18 20.61 12.03 0.17
N GLY F 19 21.61 11.19 0.43
CA GLY F 19 21.41 9.75 0.29
C GLY F 19 22.64 8.91 0.63
N SER F 20 22.42 7.60 0.65
CA SER F 20 23.49 6.65 0.83
C SER F 20 24.38 6.55 -0.39
N PHE F 21 23.81 6.70 -1.58
CA PHE F 21 24.53 6.57 -2.83
C PHE F 21 25.55 5.46 -2.74
N ASP F 22 25.06 4.25 -2.48
CA ASP F 22 25.90 3.09 -2.17
C ASP F 22 25.56 1.90 -3.05
N PRO F 23 25.89 1.96 -4.34
CA PRO F 23 26.51 3.11 -5.00
C PRO F 23 25.49 4.00 -5.71
N ILE F 24 25.98 5.08 -6.29
CA ILE F 24 25.09 5.91 -7.13
C ILE F 24 24.72 5.17 -8.41
N THR F 25 23.44 5.27 -8.78
CA THR F 25 22.88 4.65 -9.97
C THR F 25 22.53 5.73 -10.98
N LEU F 26 22.15 5.27 -12.16
CA LEU F 26 21.70 6.13 -13.23
C LEU F 26 20.38 6.83 -12.85
N GLY F 27 19.60 6.20 -11.96
CA GLY F 27 18.37 6.82 -11.43
C GLY F 27 18.71 8.05 -10.60
N HIS F 28 19.74 7.96 -9.76
CA HIS F 28 20.15 9.10 -8.92
C HIS F 28 20.72 10.22 -9.77
N VAL F 29 21.48 9.85 -10.80
CA VAL F 29 22.06 10.85 -11.74
C VAL F 29 20.96 11.60 -12.49
N ASP F 30 19.91 10.87 -12.86
CA ASP F 30 18.74 11.51 -13.51
C ASP F 30 18.05 12.57 -12.63
N ILE F 31 17.88 12.22 -11.36
CA ILE F 31 17.29 13.14 -10.38
C ILE F 31 18.17 14.36 -10.20
N ILE F 32 19.48 14.14 -10.09
CA ILE F 32 20.43 15.23 -9.99
C ILE F 32 20.36 16.21 -11.17
N LYS F 33 20.38 15.69 -12.39
CA LYS F 33 20.32 16.55 -13.56
C LYS F 33 19.02 17.34 -13.58
N ARG F 34 17.93 16.68 -13.21
CA ARG F 34 16.61 17.31 -13.24
C ARG F 34 16.45 18.34 -12.12
N ALA F 35 16.97 18.04 -10.94
CA ALA F 35 16.92 18.99 -9.84
C ALA F 35 17.70 20.26 -10.20
N LEU F 36 18.77 20.09 -10.97
CA LEU F 36 19.55 21.25 -11.41
C LEU F 36 18.79 22.15 -12.39
N SER F 37 17.70 21.66 -12.96
CA SER F 37 16.80 22.52 -13.72
C SER F 37 15.98 23.47 -12.88
N ILE F 38 15.88 23.20 -11.59
CA ILE F 38 15.07 23.98 -10.67
C ILE F 38 15.97 24.76 -9.72
N PHE F 39 16.98 24.09 -9.18
CA PHE F 39 17.83 24.66 -8.16
C PHE F 39 19.14 25.04 -8.82
N ASP F 40 19.56 26.25 -8.62
CA ASP F 40 20.81 26.70 -9.21
C ASP F 40 22.06 26.04 -8.60
N GLU F 41 21.98 25.69 -7.32
CA GLU F 41 23.07 24.89 -6.70
C GLU F 41 22.48 23.66 -6.04
N LEU F 42 23.15 22.54 -6.28
CA LEU F 42 22.75 21.29 -5.70
C LEU F 42 23.93 20.67 -4.98
N VAL F 43 23.72 20.34 -3.71
CA VAL F 43 24.69 19.58 -2.95
C VAL F 43 24.23 18.12 -2.88
N VAL F 44 25.01 17.25 -3.49
CA VAL F 44 24.77 15.83 -3.39
C VAL F 44 25.47 15.40 -2.14
N LEU F 45 24.70 14.98 -1.16
CA LEU F 45 25.22 14.70 0.18
C LEU F 45 25.23 13.23 0.51
N VAL F 46 26.43 12.67 0.59
CA VAL F 46 26.57 11.28 1.01
C VAL F 46 26.41 11.26 2.51
N THR F 47 25.30 10.67 2.94
CA THR F 47 24.87 10.74 4.31
C THR F 47 24.68 9.34 4.86
N GLU F 48 25.04 9.19 6.14
CA GLU F 48 25.00 7.90 6.78
C GLU F 48 23.57 7.50 7.04
N ASN F 49 23.21 6.31 6.59
CA ASN F 49 21.93 5.69 6.94
C ASN F 49 22.18 4.65 8.04
N PRO F 50 21.75 4.92 9.27
CA PRO F 50 22.01 4.01 10.39
C PRO F 50 21.30 2.67 10.30
N ARG F 51 20.31 2.55 9.40
CA ARG F 51 19.57 1.30 9.18
C ARG F 51 20.14 0.49 8.02
N LYS F 52 21.31 0.90 7.52
CA LYS F 52 21.98 0.19 6.44
C LYS F 52 23.44 -0.08 6.80
N LYS F 53 23.94 -1.25 6.40
CA LYS F 53 25.41 -1.51 6.39
C LYS F 53 25.91 -1.28 4.95
N CYS F 54 26.81 -0.31 4.79
CA CYS F 54 27.20 0.14 3.46
C CYS F 54 28.20 -0.80 2.85
N MET F 55 28.24 -0.83 1.54
CA MET F 55 29.26 -1.54 0.80
C MET F 55 30.54 -0.71 0.71
N PHE F 56 30.38 0.58 0.41
CA PHE F 56 31.50 1.50 0.18
C PHE F 56 31.52 2.46 1.32
N THR F 57 32.70 2.96 1.69
CA THR F 57 32.81 4.01 2.70
C THR F 57 32.18 5.28 2.19
N LEU F 58 31.90 6.19 3.11
CA LEU F 58 31.34 7.49 2.72
C LEU F 58 32.28 8.19 1.73
N GLU F 59 33.59 8.08 1.96
CA GLU F 59 34.57 8.72 1.10
C GLU F 59 34.74 8.04 -0.25
N GLU F 60 34.68 6.71 -0.30
CA GLU F 60 34.62 6.02 -1.60
C GLU F 60 33.42 6.48 -2.42
N ARG F 61 32.27 6.61 -1.76
CA ARG F 61 31.04 7.01 -2.42
C ARG F 61 31.13 8.45 -2.96
N LYS F 62 31.72 9.34 -2.17
CA LYS F 62 31.95 10.73 -2.57
C LYS F 62 32.83 10.80 -3.82
N LYS F 63 33.91 10.02 -3.83
CA LYS F 63 34.84 10.02 -4.96
C LYS F 63 34.21 9.48 -6.23
N LEU F 64 33.45 8.40 -6.10
CA LEU F 64 32.69 7.86 -7.19
C LEU F 64 31.73 8.89 -7.81
N ILE F 65 30.95 9.54 -6.96
CA ILE F 65 29.98 10.51 -7.40
C ILE F 65 30.68 11.69 -8.10
N GLU F 66 31.81 12.13 -7.55
CA GLU F 66 32.59 13.20 -8.17
C GLU F 66 33.13 12.81 -9.56
N GLU F 67 33.56 11.56 -9.72
CA GLU F 67 33.93 11.04 -11.04
C GLU F 67 32.73 11.10 -11.99
N VAL F 68 31.60 10.58 -11.52
CA VAL F 68 30.39 10.45 -12.32
C VAL F 68 29.80 11.80 -12.76
N LEU F 69 29.73 12.75 -11.83
CA LEU F 69 29.15 14.06 -12.12
C LEU F 69 30.17 15.10 -12.59
N SER F 70 31.34 14.65 -13.00
CA SER F 70 32.51 15.51 -13.17
C SER F 70 32.31 16.75 -14.01
N ASP F 71 31.55 16.65 -15.09
CA ASP F 71 31.30 17.83 -15.92
C ASP F 71 29.84 18.30 -15.88
N LEU F 72 29.25 18.27 -14.69
CA LEU F 72 27.99 18.90 -14.44
C LEU F 72 28.24 20.20 -13.70
N ASP F 73 27.74 21.31 -14.22
CA ASP F 73 27.84 22.58 -13.53
C ASP F 73 26.79 22.62 -12.44
N GLY F 74 27.06 23.38 -11.39
CA GLY F 74 26.10 23.63 -10.35
C GLY F 74 25.99 22.59 -9.25
N VAL F 75 26.74 21.49 -9.36
CA VAL F 75 26.72 20.44 -8.36
C VAL F 75 27.98 20.41 -7.49
N LYS F 76 27.78 20.22 -6.19
CA LYS F 76 28.86 19.90 -5.27
C LYS F 76 28.54 18.58 -4.61
N VAL F 77 29.58 17.82 -4.31
CA VAL F 77 29.43 16.57 -3.60
C VAL F 77 30.09 16.66 -2.22
N ASP F 78 29.39 16.20 -1.20
CA ASP F 78 29.92 16.28 0.17
C ASP F 78 29.49 15.04 0.94
N VAL F 79 30.03 14.88 2.16
CA VAL F 79 29.69 13.80 3.07
C VAL F 79 29.23 14.39 4.41
N HIS F 80 28.34 13.67 5.10
CA HIS F 80 27.85 14.08 6.42
C HIS F 80 27.65 12.83 7.30
N HIS F 81 28.17 12.87 8.52
CA HIS F 81 28.10 11.75 9.45
C HIS F 81 26.98 11.89 10.47
N GLY F 82 26.39 13.06 10.65
CA GLY F 82 25.41 13.27 11.72
C GLY F 82 23.96 13.47 11.27
N LEU F 83 23.24 14.27 12.05
CA LEU F 83 21.86 14.57 11.76
C LEU F 83 21.78 15.40 10.46
N LEU F 84 21.00 14.94 9.50
CA LEU F 84 20.88 15.60 8.23
C LEU F 84 20.56 17.09 8.34
N VAL F 85 19.57 17.45 9.16
CA VAL F 85 19.14 18.85 9.23
C VAL F 85 20.22 19.76 9.79
N ASP F 86 21.13 19.21 10.58
CA ASP F 86 22.29 19.96 11.07
C ASP F 86 23.24 20.43 9.95
N TYR F 87 23.48 19.57 8.98
CA TYR F 87 24.22 19.99 7.79
C TYR F 87 23.50 21.14 7.06
N LEU F 88 22.21 21.01 6.86
CA LEU F 88 21.46 22.07 6.17
C LEU F 88 21.45 23.39 6.96
N LYS F 89 21.28 23.31 8.28
CA LYS F 89 21.19 24.49 9.12
C LYS F 89 22.52 25.24 9.07
N LYS F 90 23.58 24.46 9.25
CA LYS F 90 24.94 24.93 9.18
C LYS F 90 25.24 25.71 7.91
N HIS F 91 24.71 25.24 6.78
CA HIS F 91 25.02 25.84 5.47
C HIS F 91 23.91 26.74 4.96
N GLY F 92 22.88 26.94 5.74
CA GLY F 92 21.83 27.86 5.38
C GLY F 92 21.02 27.35 4.23
N ILE F 93 20.91 26.03 4.11
CA ILE F 93 20.15 25.41 3.03
C ILE F 93 18.81 25.01 3.61
N LYS F 94 17.72 25.32 2.89
CA LYS F 94 16.39 25.00 3.42
C LYS F 94 15.52 24.14 2.52
N VAL F 95 16.15 23.54 1.51
CA VAL F 95 15.47 22.59 0.66
C VAL F 95 16.22 21.28 0.58
N LEU F 96 15.47 20.21 0.71
CA LEU F 96 15.92 18.85 0.53
C LEU F 96 15.23 18.33 -0.69
N VAL F 97 15.92 17.65 -1.60
CA VAL F 97 15.29 16.99 -2.73
C VAL F 97 15.45 15.49 -2.57
N ARG F 98 14.37 14.77 -2.87
CA ARG F 98 14.36 13.30 -2.88
C ARG F 98 13.60 12.80 -4.11
N GLY F 99 13.86 11.56 -4.48
CA GLY F 99 13.21 10.95 -5.61
C GLY F 99 12.20 9.93 -5.14
N LEU F 100 11.12 9.81 -5.92
CA LEU F 100 10.04 8.91 -5.68
C LEU F 100 9.97 7.87 -6.79
N ARG F 101 10.09 6.61 -6.40
CA ARG F 101 10.02 5.48 -7.33
C ARG F 101 8.80 4.65 -7.01
N ALA F 102 8.42 3.77 -7.91
CA ALA F 102 7.38 2.76 -7.63
C ALA F 102 7.74 1.89 -6.40
N VAL F 103 9.05 1.66 -6.22
CA VAL F 103 9.54 0.82 -5.13
C VAL F 103 9.91 1.59 -3.89
N THR F 104 9.66 2.88 -3.88
CA THR F 104 9.89 3.69 -2.71
C THR F 104 8.95 3.31 -1.57
N ASP F 105 9.49 3.21 -0.36
CA ASP F 105 8.67 3.21 0.86
C ASP F 105 8.15 4.64 1.12
N TYR F 106 6.93 4.88 0.68
CA TYR F 106 6.28 6.16 0.70
C TYR F 106 6.12 6.72 2.12
N GLU F 107 5.74 5.85 3.05
CA GLU F 107 5.47 6.21 4.43
C GLU F 107 6.74 6.51 5.17
N TYR F 108 7.83 5.86 4.76
CA TYR F 108 9.15 6.17 5.27
C TYR F 108 9.60 7.57 4.84
N GLU F 109 9.41 7.89 3.56
CA GLU F 109 9.75 9.20 3.03
C GLU F 109 8.93 10.30 3.72
N LEU F 110 7.64 10.04 3.92
CA LEU F 110 6.76 11.01 4.58
C LEU F 110 7.18 11.19 6.02
N GLN F 111 7.42 10.09 6.71
CA GLN F 111 7.87 10.16 8.11
C GLN F 111 9.08 11.06 8.26
N MET F 112 10.04 10.81 7.38
CA MET F 112 11.35 11.43 7.44
C MET F 112 11.26 12.91 7.06
N ALA F 113 10.43 13.22 6.07
CA ALA F 113 10.14 14.60 5.68
C ALA F 113 9.48 15.38 6.82
N LEU F 114 8.50 14.75 7.46
CA LEU F 114 7.80 15.37 8.56
C LEU F 114 8.68 15.51 9.80
N ALA F 115 9.50 14.51 10.07
CA ALA F 115 10.43 14.56 11.20
C ALA F 115 11.48 15.65 10.97
N ASN F 116 12.03 15.71 9.78
CA ASN F 116 13.02 16.70 9.46
C ASN F 116 12.43 18.14 9.56
N LYS F 117 11.17 18.29 9.18
CA LYS F 117 10.49 19.59 9.21
C LYS F 117 10.21 20.03 10.66
N LYS F 118 9.89 19.07 11.52
CA LYS F 118 9.80 19.28 12.95
C LYS F 118 11.12 19.76 13.57
N LEU F 119 12.21 19.13 13.15
CA LEU F 119 13.55 19.44 13.64
C LEU F 119 14.09 20.74 13.06
N TYR F 120 13.57 21.15 11.91
CA TYR F 120 14.07 22.29 11.19
C TYR F 120 12.90 22.92 10.45
N SER F 121 12.25 23.88 11.12
CA SER F 121 10.94 24.38 10.70
C SER F 121 10.92 25.05 9.34
N ASP F 122 12.05 25.65 8.95
CA ASP F 122 12.15 26.32 7.65
C ASP F 122 12.37 25.38 6.50
N LEU F 123 12.55 24.11 6.79
CA LEU F 123 12.84 23.11 5.75
C LEU F 123 11.63 22.86 4.86
N GLU F 124 11.92 22.57 3.61
CA GLU F 124 10.98 21.98 2.66
C GLU F 124 11.67 20.80 2.00
N THR F 125 11.04 19.63 2.06
CA THR F 125 11.46 18.50 1.28
C THR F 125 10.56 18.49 0.07
N VAL F 126 11.23 18.42 -1.06
CA VAL F 126 10.67 18.46 -2.35
C VAL F 126 10.97 17.11 -3.02
N PHE F 127 9.96 16.52 -3.62
CA PHE F 127 10.12 15.21 -4.28
C PHE F 127 9.92 15.32 -5.78
N LEU F 128 10.86 14.75 -6.53
CA LEU F 128 10.70 14.51 -7.95
C LEU F 128 10.38 13.04 -8.24
N ILE F 129 9.68 12.78 -9.35
CA ILE F 129 9.33 11.40 -9.72
C ILE F 129 10.45 10.81 -10.57
N ALA F 130 10.87 9.62 -10.22
CA ALA F 130 11.79 8.86 -11.05
C ALA F 130 11.04 8.50 -12.33
N SER F 131 11.74 8.58 -13.47
CA SER F 131 11.23 8.09 -14.72
C SER F 131 10.92 6.61 -14.64
N GLU F 132 10.04 6.15 -15.54
CA GLU F 132 9.60 4.76 -15.56
C GLU F 132 10.79 3.82 -15.57
N LYS F 133 11.81 4.20 -16.34
CA LYS F 133 12.98 3.35 -16.54
C LYS F 133 13.71 3.11 -15.24
N PHE F 134 13.70 4.10 -14.35
CA PHE F 134 14.45 4.00 -13.11
C PHE F 134 13.57 3.80 -11.88
N SER F 135 12.27 3.60 -12.10
CA SER F 135 11.29 3.52 -11.01
C SER F 135 11.35 2.19 -10.23
N PHE F 136 12.05 1.17 -10.77
CA PHE F 136 12.10 -0.15 -10.10
C PHE F 136 13.53 -0.57 -9.81
N ILE F 137 14.46 0.35 -9.92
CA ILE F 137 15.82 0.06 -9.50
C ILE F 137 16.19 0.76 -8.16
N SER F 138 17.22 0.22 -7.53
CA SER F 138 17.73 0.70 -6.28
C SER F 138 19.19 0.30 -6.27
N SER F 139 19.98 0.94 -5.41
CA SER F 139 21.36 0.55 -5.15
C SER F 139 21.45 -0.87 -4.62
N SER F 140 20.48 -1.22 -3.81
CA SER F 140 20.42 -2.53 -3.20
C SER F 140 20.23 -3.63 -4.24
N LEU F 141 19.44 -3.36 -5.28
CA LEU F 141 19.25 -4.31 -6.37
C LEU F 141 20.54 -4.48 -7.10
N VAL F 142 21.14 -3.34 -7.43
CA VAL F 142 22.43 -3.31 -8.19
C VAL F 142 23.51 -4.14 -7.49
N LYS F 143 23.66 -3.93 -6.20
CA LYS F 143 24.67 -4.62 -5.40
C LYS F 143 24.42 -6.13 -5.35
N GLU F 144 23.16 -6.50 -5.15
CA GLU F 144 22.78 -7.89 -5.10
C GLU F 144 23.06 -8.57 -6.43
N VAL F 145 22.72 -7.93 -7.55
CA VAL F 145 22.98 -8.54 -8.88
C VAL F 145 24.49 -8.61 -9.16
N ALA F 146 25.19 -7.51 -8.92
CA ALA F 146 26.64 -7.43 -9.14
C ALA F 146 27.33 -8.52 -8.33
N LEU F 147 26.96 -8.65 -7.07
CA LEU F 147 27.57 -9.67 -6.18
C LEU F 147 27.42 -11.08 -6.64
N TYR F 148 26.39 -11.38 -7.42
CA TYR F 148 26.26 -12.69 -8.07
C TYR F 148 26.79 -12.68 -9.51
N GLY F 149 27.52 -11.64 -9.89
CA GLY F 149 28.15 -11.57 -11.21
C GLY F 149 27.22 -11.22 -12.37
N GLY F 150 26.07 -10.62 -12.07
CA GLY F 150 25.18 -10.19 -13.11
C GLY F 150 25.56 -8.84 -13.66
N ASP F 151 25.14 -8.57 -14.88
CA ASP F 151 25.44 -7.32 -15.55
C ASP F 151 24.55 -6.22 -15.02
N VAL F 152 25.16 -5.18 -14.42
CA VAL F 152 24.43 -4.02 -13.90
C VAL F 152 24.70 -2.74 -14.72
N THR F 153 25.21 -2.92 -15.94
CA THR F 153 25.66 -1.82 -16.79
C THR F 153 24.57 -0.87 -17.24
N GLU F 154 23.33 -1.34 -17.28
CA GLU F 154 22.23 -0.51 -17.74
C GLU F 154 21.61 0.27 -16.58
N TRP F 155 22.14 0.06 -15.37
CA TRP F 155 21.58 0.68 -14.17
C TRP F 155 22.52 1.65 -13.47
N VAL F 156 23.81 1.57 -13.80
CA VAL F 156 24.86 2.37 -13.13
C VAL F 156 25.78 2.99 -14.17
N PRO F 157 26.39 4.11 -13.83
CA PRO F 157 27.49 4.63 -14.65
C PRO F 157 28.65 3.66 -14.70
N PRO F 158 29.41 3.67 -15.79
CA PRO F 158 30.53 2.73 -15.98
C PRO F 158 31.55 2.75 -14.85
N GLU F 159 31.81 3.93 -14.33
CA GLU F 159 32.65 4.15 -13.16
C GLU F 159 32.20 3.25 -11.99
N VAL F 160 30.90 3.18 -11.80
CA VAL F 160 30.30 2.41 -10.73
C VAL F 160 30.32 0.90 -11.01
N ALA F 161 30.07 0.50 -12.26
CA ALA F 161 30.21 -0.91 -12.65
C ALA F 161 31.63 -1.41 -12.35
N ARG F 162 32.63 -0.61 -12.72
CA ARG F 162 34.01 -0.88 -12.38
C ARG F 162 34.21 -1.04 -10.87
N ALA F 163 33.82 -0.02 -10.11
CA ALA F 163 33.98 -0.05 -8.65
C ALA F 163 33.31 -1.27 -8.02
N LEU F 164 32.11 -1.62 -8.51
CA LEU F 164 31.41 -2.81 -7.98
C LEU F 164 32.18 -4.08 -8.32
N ASN F 165 32.65 -4.15 -9.56
CA ASN F 165 33.47 -5.25 -10.01
C ASN F 165 34.65 -5.50 -9.05
N GLU F 166 35.40 -4.43 -8.78
CA GLU F 166 36.58 -4.50 -7.90
C GLU F 166 36.17 -4.96 -6.50
N LYS F 167 35.20 -4.27 -5.92
CA LYS F 167 34.77 -4.60 -4.56
C LYS F 167 34.39 -6.10 -4.44
N LEU F 168 33.83 -6.68 -5.49
CA LEU F 168 33.40 -8.09 -5.45
C LEU F 168 34.56 -9.09 -5.71
N LYS F 169 35.76 -8.55 -5.90
CA LYS F 169 37.00 -9.33 -5.85
C LYS F 169 37.65 -9.13 -4.49
O23 PNS G . -9.80 -4.91 -15.19
P24 PNS G . -10.71 -5.11 -16.38
O25 PNS G . -9.91 -5.15 -17.69
O26 PNS G . -11.93 -4.24 -16.37
O27 PNS G . -11.26 -6.66 -16.35
C28 PNS G . -12.23 -7.11 -15.38
C29 PNS G . -13.19 -8.12 -15.99
C30 PNS G . -12.51 -9.46 -16.18
C31 PNS G . -13.60 -7.60 -17.34
C32 PNS G . -14.54 -8.18 -15.26
O33 PNS G . -14.55 -7.47 -14.04
C34 PNS G . -15.24 -9.50 -15.05
O35 PNS G . -14.68 -10.57 -14.67
N36 PNS G . -16.53 -9.25 -15.39
C37 PNS G . -17.85 -9.85 -15.40
C38 PNS G . -17.78 -11.29 -15.00
C39 PNS G . -17.51 -11.64 -13.54
O40 PNS G . -17.32 -12.82 -13.31
N41 PNS G . -17.39 -10.74 -12.59
C42 PNS G . -17.12 -11.09 -11.19
C43 PNS G . -15.63 -11.35 -10.96
S44 PNS G . -15.45 -12.10 -9.28
O23 PNS H . 11.66 -17.14 -0.65
P24 PNS H . 12.25 -15.78 -0.89
O25 PNS H . 13.31 -15.55 0.16
O26 PNS H . 11.31 -14.61 -1.00
O27 PNS H . 12.93 -15.87 -2.38
C28 PNS H . 13.97 -15.00 -2.85
C29 PNS H . 15.07 -15.83 -3.53
C30 PNS H . 14.41 -16.56 -4.70
C31 PNS H . 15.65 -16.88 -2.57
C32 PNS H . 16.31 -14.94 -3.89
O33 PNS H . 16.20 -13.65 -3.29
C34 PNS H . 16.68 -14.83 -5.37
O35 PNS H . 15.95 -14.69 -6.33
N36 PNS H . 17.93 -14.94 -5.74
C37 PNS H . 19.16 -15.12 -5.05
C38 PNS H . 20.11 -14.30 -5.89
C39 PNS H . 19.49 -13.46 -6.99
O40 PNS H . 19.16 -13.88 -8.08
N41 PNS H . 19.40 -12.17 -6.71
C42 PNS H . 18.93 -11.10 -7.56
C43 PNS H . 17.48 -11.35 -7.88
S44 PNS H . 17.03 -9.93 -8.92
C1 MPD I . 6.87 -31.00 17.69
C2 MPD I . 5.56 -31.50 17.08
O2 MPD I . 4.84 -32.40 18.00
CM MPD I . 4.70 -30.30 16.78
C3 MPD I . 5.93 -32.31 15.86
C4 MPD I . 4.82 -33.14 15.28
O4 MPD I . 3.89 -32.33 14.62
C5 MPD I . 5.38 -34.13 14.26
O23 PNS J . -7.21 17.97 -7.19
P24 PNS J . -7.20 16.77 -8.12
O25 PNS J . -8.60 16.43 -8.65
O26 PNS J . -6.48 15.53 -7.57
O27 PNS J . -6.32 17.26 -9.41
C28 PNS J . -6.20 16.58 -10.68
C29 PNS J . -6.38 17.56 -11.86
C30 PNS J . -5.12 18.39 -12.03
C31 PNS J . -7.52 18.52 -11.53
C32 PNS J . -6.88 16.87 -13.15
O33 PNS J . -7.03 15.46 -13.05
C34 PNS J . -6.16 17.19 -14.45
O35 PNS J . -4.96 17.14 -14.56
N36 PNS J . -7.02 17.46 -15.44
C37 PNS J . -6.78 17.84 -16.81
C38 PNS J . -6.57 16.61 -17.70
C39 PNS J . -5.09 16.39 -17.93
O40 PNS J . -4.36 17.28 -18.26
N41 PNS J . -4.50 15.22 -17.74
C42 PNS J . -5.03 13.93 -17.37
C43 PNS J . -4.05 12.97 -18.03
S44 PNS J . -2.53 12.96 -17.07
O23 PNS K . 5.88 -2.75 19.55
P24 PNS K . 6.25 -3.96 18.70
O25 PNS K . 7.73 -4.26 18.70
O26 PNS K . 5.59 -4.09 17.37
O27 PNS K . 5.55 -5.17 19.53
C28 PNS K . 5.75 -6.50 19.03
C29 PNS K . 5.47 -7.51 20.13
C30 PNS K . 3.97 -7.51 20.35
C31 PNS K . 6.16 -7.04 21.40
C32 PNS K . 6.24 -8.83 19.88
O33 PNS K . 6.79 -8.91 18.57
C34 PNS K . 5.69 -10.17 20.34
O35 PNS K . 4.51 -10.55 20.31
N36 PNS K . 6.68 -10.90 20.86
C37 PNS K . 6.71 -12.24 21.45
C38 PNS K . 6.52 -13.25 20.30
C39 PNS K . 5.06 -13.58 20.12
O40 PNS K . 4.33 -13.89 21.05
N41 PNS K . 4.45 -13.51 18.96
C42 PNS K . 4.76 -13.25 17.61
C43 PNS K . 4.04 -14.47 17.01
S44 PNS K . 2.51 -13.94 16.22
O23 PNS L . -20.08 1.95 3.67
P24 PNS L . -19.38 1.37 4.90
O25 PNS L . -17.88 1.36 4.78
O26 PNS L . -19.96 0.04 5.40
O27 PNS L . -19.70 2.54 6.03
C28 PNS L . -19.31 3.91 5.73
C29 PNS L . -20.28 5.02 6.19
C30 PNS L . -21.72 4.44 6.27
C31 PNS L . -20.19 6.30 5.32
C32 PNS L . -19.83 5.48 7.55
O33 PNS L . -20.20 4.36 8.44
C34 PNS L . -20.42 6.86 7.92
O35 PNS L . -19.83 7.50 8.76
N36 PNS L . -21.51 7.38 7.30
C37 PNS L . -22.37 8.52 7.54
C38 PNS L . -21.91 9.88 7.03
C39 PNS L . -20.92 10.45 7.99
O40 PNS L . -21.15 10.53 9.20
N41 PNS L . -19.83 10.83 7.32
C42 PNS L . -18.63 11.48 7.74
C43 PNS L . -17.58 10.40 7.68
S44 PNS L . -16.25 11.16 8.61
O23 PNS M . 19.54 5.67 2.31
P24 PNS M . 18.74 6.76 1.62
O25 PNS M . 17.28 6.41 1.34
O26 PNS M . 19.38 7.35 0.41
O27 PNS M . 18.45 7.78 2.83
C28 PNS M . 19.24 8.82 3.32
C29 PNS M . 19.59 8.77 4.82
C30 PNS M . 21.11 8.42 4.74
C31 PNS M . 18.84 7.94 5.89
C32 PNS M . 19.21 10.14 5.30
O33 PNS M . 19.75 10.96 4.24
C34 PNS M . 19.70 10.63 6.66
O35 PNS M . 19.11 11.60 7.04
N36 PNS M . 20.72 10.10 7.37
C37 PNS M . 21.30 10.68 8.59
C38 PNS M . 20.57 10.66 9.94
C39 PNS M . 19.38 11.59 10.12
O40 PNS M . 19.35 12.80 9.88
N41 PNS M . 18.36 10.91 10.60
C42 PNS M . 17.04 11.36 10.94
C43 PNS M . 16.26 11.32 9.64
S44 PNS M . 14.63 11.84 10.18
#